data_7CYX
#
_entry.id   7CYX
#
_cell.length_a   82.180
_cell.length_b   132.810
_cell.length_c   165.212
_cell.angle_alpha   90.000
_cell.angle_beta   90.000
_cell.angle_gamma   90.000
#
_symmetry.space_group_name_H-M   'C 2 2 21'
#
loop_
_entity.id
_entity.type
_entity.pdbx_description
1 polymer 'Glycine oxidase'
2 non-polymer 'FLAVIN-ADENINE DINUCLEOTIDE'
3 water water
#
_entity_poly.entity_id   1
_entity_poly.type   'polypeptide(L)'
_entity_poly.pdbx_seq_one_letter_code
;MCEKYDVAIIGGGVIGSSVAHFLAERGHKVAIVEKQSIASEASKAAAGLLGVQAEWDAYNPLFELARESRAIFPQLAAVL
REKTGVDIGYEEKGIYRIAQNEDEKERILHIMDWQQKTGEDSYFLTGDHVREKEPYLSESIIGAVYYPKDGHVIAPELTK
AFAHSAAISGADIYEQTEVFDIRIENNKVTGVITSEGIVTCEKVVIAGGSWSTKLLSYFHRDWGTYPVKGEVVAVRSRKQ
LLKAPIFQERFYITPKRGGRYVIGATMKPHTFNKTVQPESITSILERAYTILPALKEAEWESTWAGLRPQSNHEAPYMGE
HEEIKGLYACTGHYRNGILLSPISGQYMADLIEGKQENHLLDSLLSRRVLEHHHHHH
;
_entity_poly.pdbx_strand_id   A,B
#
loop_
_chem_comp.id
_chem_comp.type
_chem_comp.name
_chem_comp.formula
FAD non-polymer 'FLAVIN-ADENINE DINUCLEOTIDE' 'C27 H33 N9 O15 P2'
#
# COMPACT_ATOMS: atom_id res chain seq x y z
N LYS A 4 26.61 16.94 -10.33
CA LYS A 4 27.17 16.32 -11.60
C LYS A 4 26.86 14.82 -11.64
N TYR A 5 25.94 14.41 -12.54
CA TYR A 5 25.34 13.08 -12.50
C TYR A 5 25.81 12.22 -13.67
N ASP A 6 25.66 10.90 -13.53
CA ASP A 6 25.94 9.98 -14.61
C ASP A 6 24.80 10.08 -15.63
N VAL A 7 23.55 9.89 -15.15
CA VAL A 7 22.40 10.16 -16.01
C VAL A 7 21.33 10.93 -15.23
N ALA A 8 20.91 12.05 -15.81
CA ALA A 8 19.60 12.68 -15.53
C ALA A 8 18.53 11.99 -16.37
N ILE A 9 17.39 11.70 -15.72
CA ILE A 9 16.25 11.05 -16.34
C ILE A 9 15.10 12.08 -16.32
N ILE A 10 14.58 12.37 -17.51
CA ILE A 10 13.51 13.31 -17.67
C ILE A 10 12.20 12.53 -17.54
N GLY A 11 11.56 12.70 -16.37
CA GLY A 11 10.26 12.13 -16.12
C GLY A 11 10.31 11.06 -15.06
N GLY A 12 9.34 11.15 -14.13
CA GLY A 12 9.23 10.34 -12.93
C GLY A 12 8.03 9.41 -12.94
N GLY A 13 7.56 9.04 -14.13
CA GLY A 13 6.61 7.93 -14.28
C GLY A 13 7.26 6.58 -14.02
N VAL A 14 6.56 5.50 -14.35
CA VAL A 14 7.03 4.12 -14.14
C VAL A 14 8.29 3.86 -14.96
N ILE A 15 8.33 4.40 -16.20
CA ILE A 15 9.35 4.12 -17.17
C ILE A 15 10.67 4.78 -16.71
N GLY A 16 10.60 6.05 -16.30
CA GLY A 16 11.78 6.77 -15.85
C GLY A 16 12.23 6.27 -14.49
N SER A 17 11.26 5.99 -13.61
CA SER A 17 11.56 5.43 -12.31
C SER A 17 12.17 4.03 -12.49
N SER A 18 11.69 3.25 -13.47
CA SER A 18 12.26 1.91 -13.69
C SER A 18 13.73 2.05 -14.12
N VAL A 19 13.98 2.97 -15.05
CA VAL A 19 15.33 3.24 -15.51
C VAL A 19 16.18 3.68 -14.29
N ALA A 20 15.64 4.58 -13.46
CA ALA A 20 16.34 5.07 -12.29
C ALA A 20 16.75 3.87 -11.41
N HIS A 21 15.81 2.93 -11.18
CA HIS A 21 16.03 1.77 -10.33
C HIS A 21 17.24 0.97 -10.79
N PHE A 22 17.23 0.50 -12.05
CA PHE A 22 18.24 -0.43 -12.58
C PHE A 22 19.63 0.22 -12.62
N LEU A 23 19.72 1.52 -13.01
CA LEU A 23 21.01 2.24 -13.10
C LEU A 23 21.62 2.42 -11.72
N ALA A 24 20.86 3.04 -10.80
CA ALA A 24 21.32 3.32 -9.42
C ALA A 24 21.72 2.02 -8.71
N GLU A 25 20.97 0.96 -8.97
CA GLU A 25 21.25 -0.34 -8.38
C GLU A 25 22.68 -0.77 -8.73
N ARG A 26 23.12 -0.44 -9.96
CA ARG A 26 24.43 -0.80 -10.53
C ARG A 26 25.47 0.29 -10.25
N GLY A 27 25.17 1.21 -9.33
CA GLY A 27 26.16 2.19 -8.82
C GLY A 27 26.32 3.46 -9.64
N HIS A 28 25.37 3.75 -10.55
CA HIS A 28 25.40 4.99 -11.35
C HIS A 28 24.73 6.13 -10.55
N LYS A 29 25.32 7.33 -10.57
CA LYS A 29 24.74 8.47 -9.87
C LYS A 29 23.68 9.12 -10.78
N VAL A 30 22.43 9.00 -10.35
CA VAL A 30 21.29 9.25 -11.22
C VAL A 30 20.40 10.31 -10.57
N ALA A 31 19.76 11.10 -11.44
CA ALA A 31 18.81 12.10 -11.04
C ALA A 31 17.54 11.94 -11.88
N ILE A 32 16.39 11.93 -11.19
CA ILE A 32 15.08 11.99 -11.84
C ILE A 32 14.61 13.45 -11.75
N VAL A 33 14.24 14.02 -12.92
CA VAL A 33 13.65 15.39 -13.01
C VAL A 33 12.22 15.28 -13.58
N GLU A 34 11.26 15.70 -12.75
CA GLU A 34 9.84 15.44 -12.93
C GLU A 34 9.06 16.71 -12.59
N LYS A 35 8.25 17.18 -13.54
CA LYS A 35 7.71 18.55 -13.50
C LYS A 35 6.66 18.68 -12.40
N GLN A 36 6.05 17.54 -12.01
CA GLN A 36 5.12 17.45 -10.89
C GLN A 36 5.69 16.50 -9.84
N SER A 37 5.10 15.31 -9.69
CA SER A 37 5.54 14.36 -8.68
C SER A 37 5.72 12.97 -9.33
N ILE A 38 6.33 12.05 -8.59
CA ILE A 38 6.45 10.66 -9.02
C ILE A 38 5.04 10.08 -9.17
N ALA A 39 4.80 9.41 -10.31
CA ALA A 39 3.53 8.77 -10.66
C ALA A 39 2.40 9.81 -10.70
N SER A 40 2.62 10.93 -11.36
CA SER A 40 1.62 11.98 -11.42
C SER A 40 0.64 11.76 -12.59
N GLU A 41 1.03 10.94 -13.57
CA GLU A 41 0.33 10.92 -14.86
C GLU A 41 -0.08 9.48 -15.22
N ALA A 42 0.25 8.98 -16.41
CA ALA A 42 -0.31 7.72 -16.86
C ALA A 42 -0.09 6.65 -15.79
N SER A 43 1.09 6.68 -15.16
CA SER A 43 1.52 5.56 -14.32
C SER A 43 0.70 5.44 -13.03
N LYS A 44 -0.12 6.45 -12.67
CA LYS A 44 -0.98 6.29 -11.47
C LYS A 44 -2.44 6.03 -11.88
N ALA A 45 -2.72 6.16 -13.18
CA ALA A 45 -4.04 5.99 -13.72
C ALA A 45 -4.24 4.55 -14.21
N ALA A 46 -3.15 3.81 -14.43
CA ALA A 46 -3.17 2.54 -15.14
C ALA A 46 -3.72 1.41 -14.25
N ALA A 47 -4.40 0.43 -14.86
CA ALA A 47 -4.99 -0.70 -14.13
C ALA A 47 -3.95 -1.79 -13.84
N GLY A 48 -2.71 -1.62 -14.32
CA GLY A 48 -1.62 -2.50 -13.93
C GLY A 48 -1.78 -3.94 -14.40
N LEU A 49 -2.56 -4.17 -15.47
CA LEU A 49 -2.73 -5.53 -16.00
C LEU A 49 -1.45 -5.93 -16.72
N LEU A 50 -1.08 -7.21 -16.63
CA LEU A 50 0.10 -7.77 -17.28
C LEU A 50 -0.37 -8.89 -18.22
N GLY A 51 -0.21 -8.67 -19.53
CA GLY A 51 -0.41 -9.69 -20.58
C GLY A 51 -1.78 -9.57 -21.20
N VAL A 52 -1.81 -9.31 -22.51
CA VAL A 52 -3.01 -9.12 -23.39
C VAL A 52 -2.95 -7.73 -24.04
N ALA A 58 -2.56 -9.80 -31.36
CA ALA A 58 -1.72 -10.29 -32.45
C ALA A 58 -0.24 -10.27 -32.02
N TYR A 59 0.57 -11.05 -32.76
CA TYR A 59 2.00 -11.23 -32.53
C TYR A 59 2.71 -9.94 -32.95
N ASN A 60 3.96 -9.75 -32.47
CA ASN A 60 4.96 -8.76 -33.00
C ASN A 60 6.23 -8.84 -32.15
N PRO A 61 7.30 -8.07 -32.42
CA PRO A 61 8.50 -8.09 -31.58
C PRO A 61 8.32 -7.57 -30.14
N LEU A 62 7.19 -6.91 -29.85
CA LEU A 62 6.83 -6.53 -28.48
C LEU A 62 6.44 -7.77 -27.68
N PHE A 63 5.64 -8.66 -28.28
CA PHE A 63 5.13 -9.86 -27.59
C PHE A 63 6.27 -10.56 -26.83
N GLU A 64 7.45 -10.65 -27.46
CA GLU A 64 8.58 -11.36 -26.91
C GLU A 64 9.25 -10.53 -25.80
N LEU A 65 9.30 -9.21 -25.99
CA LEU A 65 9.80 -8.27 -24.99
C LEU A 65 8.87 -8.33 -23.77
N ALA A 66 7.55 -8.33 -24.00
CA ALA A 66 6.52 -8.45 -22.97
C ALA A 66 6.71 -9.74 -22.16
N ARG A 67 6.87 -10.87 -22.87
CA ARG A 67 7.08 -12.18 -22.25
C ARG A 67 8.28 -12.14 -21.30
N GLU A 68 9.36 -11.48 -21.73
CA GLU A 68 10.62 -11.37 -20.97
C GLU A 68 10.40 -10.48 -19.74
N SER A 69 9.63 -9.39 -19.90
CA SER A 69 9.28 -8.43 -18.86
C SER A 69 8.37 -9.08 -17.81
N ARG A 70 7.34 -9.78 -18.30
CA ARG A 70 6.37 -10.52 -17.49
C ARG A 70 7.07 -11.39 -16.44
N ALA A 71 8.13 -12.07 -16.86
CA ALA A 71 8.79 -13.09 -16.08
C ALA A 71 9.64 -12.46 -14.97
N ILE A 72 10.01 -11.17 -15.11
CA ILE A 72 10.84 -10.47 -14.11
C ILE A 72 10.00 -10.07 -12.89
N PHE A 73 8.68 -10.05 -13.04
CA PHE A 73 7.81 -9.38 -12.06
C PHE A 73 7.81 -10.09 -10.71
N PRO A 74 7.77 -11.44 -10.63
CA PRO A 74 7.77 -12.14 -9.33
C PRO A 74 8.99 -11.77 -8.46
N GLN A 75 10.21 -11.91 -8.98
CA GLN A 75 11.44 -11.59 -8.21
C GLN A 75 11.54 -10.08 -7.97
N LEU A 76 11.21 -9.26 -8.97
CA LEU A 76 11.31 -7.79 -8.85
C LEU A 76 10.51 -7.31 -7.65
N ALA A 77 9.27 -7.82 -7.55
CA ALA A 77 8.32 -7.48 -6.49
C ALA A 77 8.93 -7.74 -5.10
N ALA A 78 9.43 -8.96 -4.88
CA ALA A 78 10.04 -9.40 -3.61
C ALA A 78 11.19 -8.48 -3.22
N VAL A 79 12.06 -8.19 -4.20
CA VAL A 79 13.23 -7.33 -4.03
C VAL A 79 12.78 -5.94 -3.56
N LEU A 80 11.79 -5.37 -4.27
CA LEU A 80 11.36 -3.99 -4.03
C LEU A 80 10.74 -3.89 -2.63
N ARG A 81 9.82 -4.80 -2.31
CA ARG A 81 9.22 -4.86 -0.97
C ARG A 81 10.34 -4.85 0.08
N GLU A 82 11.32 -5.76 -0.06
CA GLU A 82 12.39 -5.95 0.93
C GLU A 82 13.24 -4.70 1.07
N LYS A 83 13.46 -3.98 -0.03
CA LYS A 83 14.34 -2.85 -0.03
C LYS A 83 13.62 -1.58 0.42
N THR A 84 12.35 -1.39 0.03
CA THR A 84 11.73 -0.06 0.14
C THR A 84 10.55 -0.03 1.09
N GLY A 85 10.03 -1.22 1.40
CA GLY A 85 8.86 -1.39 2.24
C GLY A 85 7.56 -1.40 1.44
N VAL A 86 7.61 -0.88 0.20
CA VAL A 86 6.45 -0.78 -0.67
C VAL A 86 6.21 -2.14 -1.32
N ASP A 87 5.02 -2.70 -1.09
CA ASP A 87 4.47 -3.84 -1.84
C ASP A 87 3.71 -3.31 -3.07
N ILE A 88 4.05 -3.84 -4.24
CA ILE A 88 3.53 -3.37 -5.56
C ILE A 88 2.21 -4.07 -5.92
N GLY A 89 1.68 -4.88 -5.03
CA GLY A 89 0.42 -5.57 -5.33
C GLY A 89 0.56 -6.61 -6.42
N TYR A 90 1.73 -7.21 -6.59
CA TYR A 90 1.85 -8.24 -7.64
C TYR A 90 0.89 -9.38 -7.32
N GLU A 91 0.09 -9.75 -8.29
CA GLU A 91 -0.91 -10.82 -8.11
C GLU A 91 -0.94 -11.66 -9.39
N GLU A 92 -1.03 -12.96 -9.25
CA GLU A 92 -1.09 -13.85 -10.42
C GLU A 92 -2.21 -14.87 -10.19
N LYS A 93 -3.45 -14.43 -10.36
CA LYS A 93 -4.58 -15.36 -10.16
C LYS A 93 -5.23 -15.62 -11.52
N GLY A 94 -4.56 -15.24 -12.60
CA GLY A 94 -5.05 -15.42 -13.98
C GLY A 94 -5.92 -14.27 -14.42
N ILE A 95 -6.32 -14.29 -15.70
CA ILE A 95 -7.20 -13.25 -16.28
C ILE A 95 -8.14 -13.93 -17.27
N TYR A 96 -9.39 -13.47 -17.32
CA TYR A 96 -10.39 -14.01 -18.21
C TYR A 96 -10.62 -13.05 -19.37
N ARG A 97 -10.66 -13.58 -20.59
CA ARG A 97 -11.34 -12.90 -21.67
C ARG A 97 -12.76 -13.45 -21.70
N ILE A 98 -13.76 -12.57 -21.69
CA ILE A 98 -15.14 -13.03 -21.66
C ILE A 98 -15.81 -12.71 -23.01
N ALA A 99 -16.90 -13.44 -23.29
CA ALA A 99 -17.71 -13.22 -24.48
C ALA A 99 -19.18 -13.41 -24.11
N GLN A 100 -20.02 -12.49 -24.60
CA GLN A 100 -21.45 -12.45 -24.30
C GLN A 100 -22.28 -12.78 -25.55
N ASN A 101 -21.62 -12.86 -26.71
CA ASN A 101 -22.22 -13.26 -28.00
C ASN A 101 -21.19 -14.04 -28.85
N GLU A 102 -21.70 -14.63 -29.94
CA GLU A 102 -21.02 -15.66 -30.76
C GLU A 102 -19.88 -15.06 -31.59
N ASP A 103 -20.07 -13.86 -32.13
CA ASP A 103 -18.97 -13.14 -32.80
C ASP A 103 -17.78 -13.10 -31.84
N GLU A 104 -18.07 -12.77 -30.59
CA GLU A 104 -17.07 -12.53 -29.56
C GLU A 104 -16.38 -13.85 -29.18
N LYS A 105 -17.18 -14.90 -28.99
CA LYS A 105 -16.71 -16.25 -28.76
C LYS A 105 -15.67 -16.61 -29.82
N GLU A 106 -16.03 -16.45 -31.10
CA GLU A 106 -15.15 -16.86 -32.18
C GLU A 106 -13.90 -15.98 -32.16
N ARG A 107 -14.08 -14.66 -31.97
CA ARG A 107 -12.93 -13.75 -31.93
C ARG A 107 -11.92 -14.31 -30.89
N ILE A 108 -12.44 -14.67 -29.72
CA ILE A 108 -11.65 -15.17 -28.57
C ILE A 108 -11.06 -16.57 -28.88
N LEU A 109 -11.84 -17.47 -29.49
CA LEU A 109 -11.30 -18.80 -29.81
C LEU A 109 -10.09 -18.66 -30.75
N HIS A 110 -10.16 -17.71 -31.70
CA HIS A 110 -9.09 -17.48 -32.72
C HIS A 110 -7.81 -16.92 -32.08
N ILE A 111 -7.98 -16.02 -31.11
CA ILE A 111 -6.83 -15.45 -30.43
C ILE A 111 -6.08 -16.60 -29.74
N MET A 112 -6.83 -17.37 -28.96
CA MET A 112 -6.34 -18.48 -28.15
C MET A 112 -5.59 -19.49 -29.02
N ASP A 113 -6.12 -19.79 -30.21
CA ASP A 113 -5.59 -20.85 -31.07
C ASP A 113 -4.23 -20.45 -31.65
N TRP A 114 -4.03 -19.16 -31.97
CA TRP A 114 -2.70 -18.70 -32.43
C TRP A 114 -1.76 -18.56 -31.24
N GLN A 115 -2.29 -18.16 -30.09
CA GLN A 115 -1.49 -17.94 -28.88
C GLN A 115 -0.88 -19.26 -28.41
N GLN A 116 -1.72 -20.31 -28.41
CA GLN A 116 -1.37 -21.64 -27.92
C GLN A 116 -0.09 -22.19 -28.60
N LYS A 117 0.10 -21.88 -29.89
CA LYS A 117 1.23 -22.37 -30.66
C LYS A 117 2.55 -21.75 -30.17
N THR A 118 2.49 -20.71 -29.33
CA THR A 118 3.68 -20.00 -28.80
C THR A 118 4.15 -20.57 -27.45
N GLY A 119 3.38 -21.50 -26.85
CA GLY A 119 3.77 -22.21 -25.60
C GLY A 119 3.01 -21.72 -24.37
N GLU A 120 2.21 -20.66 -24.53
CA GLU A 120 1.40 -20.02 -23.47
C GLU A 120 0.16 -20.88 -23.18
N ASP A 121 0.04 -21.31 -21.91
CA ASP A 121 -1.09 -22.16 -21.46
C ASP A 121 -2.34 -21.30 -21.30
N SER A 122 -3.50 -21.83 -21.72
CA SER A 122 -4.80 -21.13 -21.65
C SER A 122 -5.89 -22.17 -21.87
N TYR A 123 -7.06 -21.98 -21.26
CA TYR A 123 -8.15 -22.97 -21.39
C TYR A 123 -9.44 -22.26 -21.76
N PHE A 124 -10.20 -22.83 -22.68
CA PHE A 124 -11.49 -22.20 -23.03
C PHE A 124 -12.51 -22.69 -22.01
N LEU A 125 -13.29 -21.76 -21.47
CA LEU A 125 -14.30 -22.13 -20.47
C LEU A 125 -15.68 -21.82 -21.02
N THR A 126 -16.63 -22.62 -20.62
CA THR A 126 -18.05 -22.44 -20.96
C THR A 126 -18.62 -21.38 -20.00
N GLY A 127 -19.74 -20.75 -20.36
CA GLY A 127 -20.35 -19.76 -19.47
C GLY A 127 -20.59 -20.31 -18.08
N ASP A 128 -21.15 -21.50 -18.00
CA ASP A 128 -21.42 -22.14 -16.71
C ASP A 128 -20.10 -22.44 -15.96
N HIS A 129 -19.03 -22.79 -16.66
CA HIS A 129 -17.77 -23.19 -15.99
C HIS A 129 -17.09 -21.93 -15.43
N VAL A 130 -17.18 -20.82 -16.18
CA VAL A 130 -16.74 -19.50 -15.69
C VAL A 130 -17.43 -19.22 -14.36
N ARG A 131 -18.76 -19.31 -14.40
CA ARG A 131 -19.62 -18.89 -13.29
C ARG A 131 -19.41 -19.77 -12.05
N GLU A 132 -18.91 -21.00 -12.22
CA GLU A 132 -18.52 -21.84 -11.08
C GLU A 132 -17.33 -21.17 -10.40
N LYS A 133 -16.38 -20.69 -11.21
CA LYS A 133 -15.15 -20.04 -10.70
C LYS A 133 -15.43 -18.61 -10.20
N GLU A 134 -16.24 -17.85 -10.95
CA GLU A 134 -16.53 -16.43 -10.61
C GLU A 134 -18.05 -16.26 -10.60
N PRO A 135 -18.73 -16.55 -9.48
CA PRO A 135 -20.18 -16.66 -9.47
C PRO A 135 -20.96 -15.34 -9.64
N TYR A 136 -20.34 -14.19 -9.40
CA TYR A 136 -21.09 -12.93 -9.56
C TYR A 136 -21.17 -12.53 -11.03
N LEU A 137 -20.54 -13.30 -11.91
CA LEU A 137 -20.49 -12.93 -13.31
C LEU A 137 -21.86 -13.23 -13.94
N SER A 138 -22.24 -12.35 -14.88
CA SER A 138 -23.53 -12.33 -15.58
C SER A 138 -23.84 -13.69 -16.21
N GLU A 139 -25.13 -14.03 -16.22
CA GLU A 139 -25.64 -15.16 -17.00
C GLU A 139 -25.45 -14.90 -18.51
N SER A 140 -25.19 -13.64 -18.92
CA SER A 140 -25.02 -13.33 -20.36
C SER A 140 -23.71 -13.90 -20.93
N ILE A 141 -22.72 -14.19 -20.09
CA ILE A 141 -21.41 -14.71 -20.59
C ILE A 141 -21.60 -16.15 -21.10
N ILE A 142 -21.24 -16.41 -22.37
CA ILE A 142 -21.47 -17.75 -23.01
C ILE A 142 -20.16 -18.56 -23.05
N GLY A 143 -19.02 -17.87 -23.07
CA GLY A 143 -17.72 -18.48 -22.93
C GLY A 143 -16.65 -17.49 -22.49
N ALA A 144 -15.43 -18.00 -22.34
CA ALA A 144 -14.31 -17.17 -21.93
C ALA A 144 -13.03 -17.98 -22.07
N VAL A 145 -11.90 -17.26 -22.20
CA VAL A 145 -10.59 -17.85 -22.20
C VAL A 145 -9.90 -17.43 -20.91
N TYR A 146 -9.47 -18.44 -20.14
CA TYR A 146 -8.76 -18.25 -18.92
C TYR A 146 -7.25 -18.48 -19.18
N TYR A 147 -6.44 -17.53 -18.72
CA TYR A 147 -4.99 -17.61 -18.75
C TYR A 147 -4.46 -17.68 -17.32
N PRO A 148 -4.11 -18.86 -16.78
CA PRO A 148 -3.77 -18.98 -15.36
C PRO A 148 -2.51 -18.20 -14.95
N LYS A 149 -1.62 -17.89 -15.90
CA LYS A 149 -0.31 -17.27 -15.64
C LYS A 149 -0.35 -15.74 -15.70
N ASP A 150 -1.49 -15.15 -16.09
CA ASP A 150 -1.59 -13.70 -16.16
C ASP A 150 -1.82 -13.13 -14.76
N GLY A 151 -1.58 -11.85 -14.61
CA GLY A 151 -1.80 -11.20 -13.32
C GLY A 151 -1.70 -9.70 -13.45
N HIS A 152 -1.54 -9.01 -12.34
CA HIS A 152 -1.47 -7.55 -12.42
C HIS A 152 -0.75 -6.99 -11.20
N VAL A 153 -0.50 -5.70 -11.24
CA VAL A 153 0.17 -4.99 -10.12
C VAL A 153 -0.58 -3.67 -9.88
N ILE A 154 -0.16 -2.95 -8.86
CA ILE A 154 -0.72 -1.61 -8.60
C ILE A 154 0.27 -0.62 -9.18
N ALA A 155 -0.05 -0.12 -10.37
CA ALA A 155 0.82 0.77 -11.16
C ALA A 155 1.49 1.86 -10.31
N PRO A 156 0.75 2.71 -9.58
CA PRO A 156 1.40 3.76 -8.79
C PRO A 156 2.35 3.20 -7.72
N GLU A 157 2.08 2.01 -7.18
CA GLU A 157 2.90 1.44 -6.12
C GLU A 157 4.21 0.94 -6.71
N LEU A 158 4.13 0.30 -7.89
CA LEU A 158 5.30 -0.16 -8.57
C LEU A 158 6.17 1.06 -8.92
N THR A 159 5.52 2.11 -9.42
CA THR A 159 6.18 3.33 -9.79
C THR A 159 6.94 3.88 -8.57
N LYS A 160 6.20 4.12 -7.49
CA LYS A 160 6.77 4.65 -6.29
C LYS A 160 7.89 3.73 -5.82
N ALA A 161 7.70 2.40 -5.90
CA ALA A 161 8.72 1.47 -5.43
C ALA A 161 10.05 1.68 -6.17
N PHE A 162 10.00 1.65 -7.51
CA PHE A 162 11.16 1.91 -8.35
C PHE A 162 11.88 3.18 -7.89
N ALA A 163 11.13 4.27 -7.69
CA ALA A 163 11.73 5.59 -7.46
C ALA A 163 12.43 5.66 -6.09
N HIS A 164 11.82 5.13 -5.05
CA HIS A 164 12.44 5.12 -3.70
C HIS A 164 13.61 4.13 -3.62
N SER A 165 13.51 3.02 -4.36
CA SER A 165 14.60 2.08 -4.53
C SER A 165 15.83 2.83 -5.05
N ALA A 166 15.61 3.62 -6.11
CA ALA A 166 16.62 4.42 -6.75
C ALA A 166 17.23 5.38 -5.73
N ALA A 167 16.37 6.03 -4.94
CA ALA A 167 16.80 7.06 -3.98
C ALA A 167 17.68 6.43 -2.89
N ILE A 168 17.21 5.29 -2.37
CA ILE A 168 17.93 4.49 -1.40
C ILE A 168 19.34 4.16 -1.94
N SER A 169 19.40 3.90 -3.23
CA SER A 169 20.67 3.57 -3.90
C SER A 169 21.41 4.84 -4.29
N GLY A 170 20.97 5.99 -3.78
CA GLY A 170 21.69 7.25 -4.03
C GLY A 170 21.08 8.15 -5.08
N ALA A 171 19.95 7.77 -5.67
CA ALA A 171 19.41 8.67 -6.71
C ALA A 171 18.81 9.92 -6.07
N ASP A 172 18.96 11.06 -6.75
CA ASP A 172 18.41 12.34 -6.28
C ASP A 172 17.12 12.57 -7.06
N ILE A 173 16.03 12.85 -6.38
CA ILE A 173 14.75 13.04 -7.11
C ILE A 173 14.34 14.52 -7.04
N TYR A 174 14.18 15.15 -8.21
CA TYR A 174 13.79 16.57 -8.28
C TYR A 174 12.36 16.68 -8.79
N GLU A 175 11.39 16.76 -7.88
CA GLU A 175 9.97 16.94 -8.27
C GLU A 175 9.71 18.43 -8.49
N GLN A 176 8.54 18.77 -9.02
CA GLN A 176 8.18 20.19 -9.32
C GLN A 176 9.32 20.86 -10.09
N THR A 177 9.90 20.14 -11.04
CA THR A 177 11.03 20.65 -11.81
C THR A 177 10.85 20.24 -13.28
N GLU A 178 10.66 21.23 -14.17
CA GLU A 178 10.41 20.95 -15.58
C GLU A 178 11.69 21.13 -16.39
N VAL A 179 11.93 20.18 -17.31
CA VAL A 179 13.06 20.24 -18.20
C VAL A 179 12.61 20.92 -19.49
N PHE A 180 13.12 22.14 -19.73
CA PHE A 180 12.75 22.91 -20.93
C PHE A 180 13.54 22.44 -22.16
N ASP A 181 14.79 22.00 -21.95
CA ASP A 181 15.72 21.62 -23.01
C ASP A 181 16.90 20.81 -22.45
N ILE A 182 17.63 20.13 -23.36
CA ILE A 182 18.88 19.44 -23.07
C ILE A 182 20.05 20.34 -23.51
N ARG A 183 21.12 20.39 -22.71
CA ARG A 183 22.30 21.22 -23.00
C ARG A 183 23.38 20.35 -23.65
N ILE A 184 23.51 20.50 -24.96
CA ILE A 184 24.50 19.85 -25.80
C ILE A 184 25.50 20.91 -26.25
N GLU A 185 26.77 20.72 -25.86
CA GLU A 185 27.78 21.74 -26.05
C GLU A 185 28.59 21.39 -27.30
N ASN A 186 29.23 20.21 -27.33
CA ASN A 186 30.11 19.87 -28.44
C ASN A 186 29.66 18.57 -29.09
N ASN A 187 28.37 18.50 -29.46
CA ASN A 187 27.73 17.26 -29.90
C ASN A 187 27.78 16.24 -28.75
N LYS A 188 27.78 16.75 -27.53
CA LYS A 188 27.74 15.88 -26.32
C LYS A 188 26.74 16.47 -25.32
N VAL A 189 26.07 15.60 -24.57
CA VAL A 189 25.11 16.03 -23.52
C VAL A 189 25.93 16.50 -22.33
N THR A 190 25.80 17.75 -21.91
CA THR A 190 26.60 18.23 -20.75
C THR A 190 25.68 18.56 -19.58
N GLY A 191 24.37 18.56 -19.81
CA GLY A 191 23.45 18.86 -18.73
C GLY A 191 22.02 18.94 -19.21
N VAL A 192 21.17 19.53 -18.38
CA VAL A 192 19.72 19.65 -18.71
C VAL A 192 19.25 21.01 -18.19
N ILE A 193 18.44 21.71 -18.96
CA ILE A 193 17.96 23.08 -18.57
C ILE A 193 16.57 22.96 -17.97
N THR A 194 16.42 23.32 -16.69
CA THR A 194 15.15 23.13 -15.97
C THR A 194 14.57 24.46 -15.48
N SER A 195 13.41 24.41 -14.85
CA SER A 195 12.72 25.61 -14.34
C SER A 195 13.38 26.07 -13.04
N GLU A 196 14.21 25.22 -12.44
CA GLU A 196 14.88 25.49 -11.16
C GLU A 196 16.39 25.65 -11.39
N GLY A 197 16.80 25.80 -12.65
CA GLY A 197 18.20 26.01 -13.01
C GLY A 197 18.77 24.82 -13.75
N ILE A 198 20.11 24.77 -13.80
CA ILE A 198 20.84 23.77 -14.58
C ILE A 198 21.14 22.56 -13.70
N VAL A 199 21.03 21.38 -14.31
CA VAL A 199 21.44 20.10 -13.75
C VAL A 199 22.53 19.51 -14.65
N THR A 200 23.74 19.38 -14.12
CA THR A 200 24.86 18.88 -14.88
C THR A 200 24.78 17.35 -14.96
N CYS A 201 24.93 16.81 -16.17
CA CYS A 201 24.95 15.38 -16.35
C CYS A 201 25.72 15.04 -17.62
N GLU A 202 26.05 13.76 -17.79
CA GLU A 202 26.84 13.26 -18.94
C GLU A 202 25.94 12.44 -19.88
N LYS A 203 24.81 11.97 -19.37
CA LYS A 203 23.84 11.25 -20.15
C LYS A 203 22.45 11.73 -19.75
N VAL A 204 21.52 11.66 -20.69
CA VAL A 204 20.14 12.02 -20.49
C VAL A 204 19.29 10.86 -20.99
N VAL A 205 18.17 10.61 -20.29
CA VAL A 205 17.11 9.76 -20.79
C VAL A 205 15.77 10.53 -20.78
N ILE A 206 15.15 10.55 -21.96
CA ILE A 206 13.85 11.14 -22.19
C ILE A 206 12.79 10.09 -21.86
N ALA A 207 12.12 10.25 -20.70
CA ALA A 207 11.05 9.40 -20.24
C ALA A 207 9.81 10.24 -19.88
N GLY A 208 9.38 11.10 -20.83
CA GLY A 208 8.38 12.15 -20.57
C GLY A 208 6.96 11.76 -20.96
N GLY A 209 6.68 10.45 -21.01
CA GLY A 209 5.43 9.91 -21.50
C GLY A 209 4.85 10.72 -22.66
N SER A 210 3.58 11.12 -22.50
CA SER A 210 2.79 11.88 -23.49
C SER A 210 3.41 13.23 -23.89
N TRP A 211 4.43 13.71 -23.18
CA TRP A 211 5.00 15.08 -23.34
C TRP A 211 6.41 15.03 -23.97
N SER A 212 6.85 13.85 -24.41
CA SER A 212 8.25 13.67 -24.86
C SER A 212 8.52 14.37 -26.19
N THR A 213 7.49 14.72 -26.97
CA THR A 213 7.68 15.11 -28.39
C THR A 213 8.79 16.15 -28.57
N LYS A 214 8.74 17.29 -27.89
CA LYS A 214 9.75 18.37 -28.09
C LYS A 214 11.18 17.82 -27.95
N LEU A 215 11.45 17.07 -26.89
CA LEU A 215 12.81 16.54 -26.60
C LEU A 215 13.18 15.45 -27.60
N LEU A 216 12.21 14.85 -28.26
CA LEU A 216 12.48 13.77 -29.25
C LEU A 216 12.90 14.38 -30.59
N SER A 217 12.76 15.69 -30.77
CA SER A 217 13.16 16.49 -31.95
C SER A 217 14.66 16.33 -32.22
N TYR A 218 15.47 16.21 -31.17
CA TYR A 218 16.92 15.97 -31.33
C TYR A 218 17.14 14.72 -32.19
N PHE A 219 16.37 13.65 -31.96
CA PHE A 219 16.44 12.46 -32.83
C PHE A 219 15.90 12.82 -34.21
N HIS A 220 14.62 13.23 -34.28
CA HIS A 220 13.94 13.61 -35.55
C HIS A 220 12.60 14.30 -35.27
N ARG A 221 12.25 15.25 -36.14
CA ARG A 221 11.02 16.08 -36.12
C ARG A 221 9.76 15.21 -36.07
N ASP A 222 9.74 14.08 -36.77
CA ASP A 222 8.56 13.20 -36.83
C ASP A 222 8.54 12.21 -35.67
N TRP A 223 9.59 12.18 -34.87
CA TRP A 223 9.53 11.28 -33.70
C TRP A 223 8.66 11.98 -32.67
N GLY A 224 7.80 11.26 -31.98
CA GLY A 224 6.98 11.93 -30.95
C GLY A 224 5.97 11.04 -30.29
N THR A 225 5.38 11.55 -29.22
CA THR A 225 4.32 10.86 -28.46
C THR A 225 3.17 11.84 -28.30
N TYR A 226 1.97 11.33 -28.14
CA TYR A 226 0.78 12.18 -27.91
C TYR A 226 -0.11 11.44 -26.92
N PRO A 227 -0.92 12.16 -26.14
CA PRO A 227 -1.82 11.54 -25.15
C PRO A 227 -3.12 10.91 -25.71
N VAL A 228 -3.41 9.71 -25.25
CA VAL A 228 -4.70 9.11 -25.52
C VAL A 228 -5.43 8.99 -24.18
N LYS A 229 -6.37 9.91 -23.96
CA LYS A 229 -7.00 10.10 -22.68
C LYS A 229 -7.82 8.85 -22.39
N GLY A 230 -7.80 8.39 -21.14
CA GLY A 230 -8.67 7.28 -20.71
C GLY A 230 -9.27 7.57 -19.36
N GLU A 231 -10.58 7.36 -19.24
CA GLU A 231 -11.34 7.65 -18.06
C GLU A 231 -11.67 6.32 -17.40
N VAL A 232 -11.53 6.27 -16.06
CA VAL A 232 -11.81 5.06 -15.32
C VAL A 232 -12.55 5.40 -14.02
N VAL A 233 -13.28 4.39 -13.54
CA VAL A 233 -14.16 4.45 -12.37
C VAL A 233 -13.68 3.37 -11.39
N ALA A 234 -13.86 3.64 -10.09
CA ALA A 234 -13.50 2.69 -9.04
C ALA A 234 -14.65 2.58 -8.04
N VAL A 235 -14.97 1.34 -7.64
CA VAL A 235 -15.95 1.14 -6.60
C VAL A 235 -15.35 0.20 -5.55
N ARG A 236 -15.92 0.26 -4.35
CA ARG A 236 -15.57 -0.63 -3.25
C ARG A 236 -16.73 -1.60 -3.06
N SER A 237 -16.45 -2.80 -2.55
CA SER A 237 -17.51 -3.74 -2.21
C SER A 237 -17.08 -4.60 -1.02
N ARG A 238 -18.04 -4.97 -0.19
CA ARG A 238 -17.75 -5.87 0.92
C ARG A 238 -17.86 -7.33 0.44
N LYS A 239 -18.31 -7.56 -0.79
CA LYS A 239 -18.44 -8.90 -1.32
C LYS A 239 -17.17 -9.27 -2.07
N GLN A 240 -16.93 -10.58 -2.20
CA GLN A 240 -15.85 -11.16 -3.00
C GLN A 240 -16.31 -11.24 -4.46
N LEU A 241 -16.33 -10.10 -5.16
CA LEU A 241 -17.10 -9.97 -6.41
C LEU A 241 -16.37 -10.64 -7.60
N LEU A 242 -15.04 -10.49 -7.63
CA LEU A 242 -14.13 -11.07 -8.61
C LEU A 242 -12.87 -11.47 -7.85
N LYS A 243 -12.32 -12.63 -8.20
CA LYS A 243 -11.03 -13.10 -7.70
C LYS A 243 -9.95 -12.58 -8.66
N ALA A 244 -10.23 -12.67 -9.96
CA ALA A 244 -9.29 -12.33 -11.03
C ALA A 244 -9.89 -11.28 -11.95
N PRO A 245 -9.06 -10.51 -12.67
CA PRO A 245 -9.57 -9.50 -13.60
C PRO A 245 -10.35 -10.16 -14.74
N ILE A 246 -11.32 -9.44 -15.29
CA ILE A 246 -12.02 -9.95 -16.49
C ILE A 246 -11.75 -8.93 -17.59
N PHE A 247 -11.65 -9.40 -18.82
CA PHE A 247 -11.33 -8.53 -19.97
C PHE A 247 -12.40 -8.73 -21.02
N GLN A 248 -12.69 -7.68 -21.78
CA GLN A 248 -13.69 -7.79 -22.87
C GLN A 248 -13.38 -6.71 -23.91
N GLU A 249 -12.66 -7.08 -24.97
CA GLU A 249 -12.34 -6.17 -26.10
C GLU A 249 -11.79 -4.85 -25.56
N ARG A 250 -10.77 -4.94 -24.71
CA ARG A 250 -10.03 -3.83 -24.03
C ARG A 250 -10.73 -3.36 -22.73
N PHE A 251 -12.05 -3.50 -22.63
CA PHE A 251 -12.77 -3.08 -21.41
C PHE A 251 -12.42 -4.05 -20.28
N TYR A 252 -12.22 -3.52 -19.08
CA TYR A 252 -11.83 -4.44 -17.99
C TYR A 252 -12.44 -4.05 -16.66
N ILE A 253 -12.61 -5.08 -15.84
CA ILE A 253 -13.05 -4.95 -14.44
C ILE A 253 -11.92 -5.64 -13.68
N THR A 254 -11.29 -4.95 -12.76
CA THR A 254 -10.19 -5.63 -12.07
C THR A 254 -10.29 -5.42 -10.57
N PRO A 255 -10.14 -6.49 -9.77
CA PRO A 255 -10.01 -6.32 -8.33
C PRO A 255 -8.65 -5.67 -8.00
N LYS A 256 -8.58 -5.01 -6.84
CA LYS A 256 -7.35 -4.56 -6.21
C LYS A 256 -7.46 -4.81 -4.70
N ARG A 257 -6.29 -4.93 -4.02
CA ARG A 257 -6.17 -4.97 -2.57
C ARG A 257 -7.30 -4.14 -1.96
N GLY A 258 -8.00 -4.73 -0.99
CA GLY A 258 -8.83 -3.96 -0.10
C GLY A 258 -10.25 -3.77 -0.60
N GLY A 259 -10.76 -4.75 -1.35
CA GLY A 259 -12.17 -4.76 -1.79
C GLY A 259 -12.48 -3.60 -2.73
N ARG A 260 -11.47 -3.19 -3.51
CA ARG A 260 -11.59 -2.19 -4.56
C ARG A 260 -11.73 -2.86 -5.93
N TYR A 261 -12.71 -2.38 -6.73
CA TYR A 261 -12.95 -2.78 -8.15
C TYR A 261 -12.71 -1.58 -9.07
N VAL A 262 -11.79 -1.75 -10.03
CA VAL A 262 -11.40 -0.69 -10.96
C VAL A 262 -11.88 -1.08 -12.36
N ILE A 263 -12.58 -0.13 -13.03
CA ILE A 263 -13.39 -0.40 -14.21
C ILE A 263 -13.16 0.70 -15.26
N GLY A 264 -12.79 0.28 -16.46
CA GLY A 264 -12.44 1.20 -17.53
C GLY A 264 -12.25 0.45 -18.86
N ALA A 265 -11.84 1.14 -19.93
CA ALA A 265 -11.52 2.56 -19.90
C ALA A 265 -11.82 3.16 -21.29
N THR A 266 -12.31 4.39 -21.31
CA THR A 266 -12.60 5.09 -22.55
C THR A 266 -11.29 5.42 -23.27
N MET A 267 -11.45 5.75 -24.55
CA MET A 267 -10.36 6.12 -25.42
C MET A 267 -10.68 7.47 -26.08
N LYS A 268 -9.90 8.51 -25.76
CA LYS A 268 -10.07 9.85 -26.34
C LYS A 268 -8.71 10.41 -26.79
N PRO A 269 -8.31 10.16 -28.06
CA PRO A 269 -6.98 10.56 -28.52
C PRO A 269 -6.77 12.07 -28.70
N HIS A 270 -5.50 12.51 -28.59
CA HIS A 270 -5.03 13.89 -28.81
C HIS A 270 -5.73 14.90 -27.89
N THR A 271 -5.68 14.64 -26.58
CA THR A 271 -6.01 15.69 -25.60
C THR A 271 -5.30 15.39 -24.28
N PHE A 272 -4.81 16.45 -23.63
CA PHE A 272 -4.19 16.40 -22.29
C PHE A 272 -5.24 16.61 -21.18
N ASN A 273 -6.51 16.73 -21.57
CA ASN A 273 -7.60 16.99 -20.64
C ASN A 273 -7.81 15.85 -19.63
N LYS A 274 -7.72 16.16 -18.32
CA LYS A 274 -7.83 15.16 -17.25
C LYS A 274 -9.17 15.20 -16.50
N THR A 275 -10.18 15.96 -16.98
CA THR A 275 -11.57 15.90 -16.46
C THR A 275 -12.26 14.63 -16.97
N VAL A 276 -13.35 14.25 -16.30
CA VAL A 276 -14.13 13.08 -16.62
C VAL A 276 -15.53 13.55 -17.01
N GLN A 277 -15.97 13.18 -18.21
CA GLN A 277 -17.29 13.55 -18.71
C GLN A 277 -18.30 12.58 -18.14
N PRO A 278 -19.49 13.06 -17.70
CA PRO A 278 -20.56 12.18 -17.25
C PRO A 278 -20.82 10.96 -18.16
N GLU A 279 -20.96 11.22 -19.46
CA GLU A 279 -21.30 10.22 -20.49
C GLU A 279 -20.34 9.03 -20.38
N SER A 280 -19.05 9.31 -20.17
CA SER A 280 -18.03 8.30 -19.99
C SER A 280 -18.33 7.50 -18.72
N ILE A 281 -18.65 8.20 -17.62
CA ILE A 281 -18.98 7.53 -16.37
C ILE A 281 -20.15 6.56 -16.59
N THR A 282 -21.19 7.05 -17.29
CA THR A 282 -22.45 6.33 -17.53
C THR A 282 -22.22 5.15 -18.48
N SER A 283 -21.47 5.43 -19.55
CA SER A 283 -21.15 4.44 -20.54
C SER A 283 -20.34 3.29 -19.89
N ILE A 284 -19.38 3.64 -19.02
CA ILE A 284 -18.50 2.66 -18.42
C ILE A 284 -19.28 1.77 -17.47
N LEU A 285 -20.10 2.40 -16.63
CA LEU A 285 -20.81 1.66 -15.62
C LEU A 285 -21.88 0.77 -16.24
N GLU A 286 -22.58 1.25 -17.28
CA GLU A 286 -23.65 0.46 -17.89
C GLU A 286 -23.04 -0.81 -18.52
N ARG A 287 -21.84 -0.66 -19.09
CA ARG A 287 -21.17 -1.79 -19.71
C ARG A 287 -20.78 -2.77 -18.61
N ALA A 288 -20.40 -2.26 -17.43
CA ALA A 288 -19.92 -3.11 -16.35
C ALA A 288 -21.07 -3.93 -15.77
N TYR A 289 -22.29 -3.36 -15.82
CA TYR A 289 -23.46 -3.98 -15.25
C TYR A 289 -23.81 -5.25 -16.05
N THR A 290 -23.59 -5.25 -17.36
CA THR A 290 -23.90 -6.40 -18.21
C THR A 290 -22.94 -7.58 -17.94
N ILE A 291 -21.75 -7.29 -17.38
CA ILE A 291 -20.72 -8.30 -17.07
C ILE A 291 -20.90 -8.79 -15.62
N LEU A 292 -21.28 -7.87 -14.74
CA LEU A 292 -21.16 -8.06 -13.29
C LEU A 292 -22.19 -7.18 -12.59
N PRO A 293 -23.46 -7.62 -12.58
CA PRO A 293 -24.57 -6.80 -12.10
C PRO A 293 -24.47 -6.33 -10.64
N ALA A 294 -23.89 -7.13 -9.77
CA ALA A 294 -23.79 -6.73 -8.37
C ALA A 294 -23.07 -5.38 -8.21
N LEU A 295 -22.39 -4.88 -9.26
CA LEU A 295 -21.67 -3.60 -9.14
C LEU A 295 -22.66 -2.44 -8.98
N LYS A 296 -23.95 -2.69 -9.21
CA LYS A 296 -25.01 -1.71 -9.06
C LYS A 296 -25.08 -1.23 -7.61
N GLU A 297 -24.87 -2.16 -6.66
CA GLU A 297 -25.15 -1.96 -5.24
C GLU A 297 -23.85 -1.94 -4.43
N ALA A 298 -22.73 -1.75 -5.12
CA ALA A 298 -21.41 -1.45 -4.55
C ALA A 298 -21.33 0.02 -4.08
N GLU A 299 -20.16 0.41 -3.62
CA GLU A 299 -19.97 1.78 -3.10
C GLU A 299 -19.06 2.55 -4.05
N TRP A 300 -19.58 3.65 -4.57
CA TRP A 300 -18.79 4.50 -5.49
C TRP A 300 -17.57 5.00 -4.73
N GLU A 301 -16.42 4.96 -5.38
CA GLU A 301 -15.24 5.48 -4.66
C GLU A 301 -14.72 6.70 -5.40
N SER A 302 -14.42 6.52 -6.67
CA SER A 302 -13.69 7.58 -7.40
C SER A 302 -13.81 7.39 -8.90
N THR A 303 -13.41 8.43 -9.62
CA THR A 303 -13.31 8.42 -11.09
C THR A 303 -12.09 9.26 -11.46
N TRP A 304 -11.37 8.89 -12.50
CA TRP A 304 -10.20 9.70 -12.89
C TRP A 304 -9.89 9.52 -14.37
N ALA A 305 -8.99 10.34 -14.87
CA ALA A 305 -8.57 10.32 -16.28
C ALA A 305 -7.04 10.27 -16.33
N GLY A 306 -6.51 9.41 -17.20
CA GLY A 306 -5.07 9.23 -17.43
C GLY A 306 -4.73 9.34 -18.90
N LEU A 307 -3.47 9.68 -19.19
CA LEU A 307 -3.02 10.04 -20.54
C LEU A 307 -2.00 9.02 -21.04
N ARG A 308 -2.51 8.00 -21.77
CA ARG A 308 -1.67 7.00 -22.38
C ARG A 308 -0.74 7.65 -23.40
N PRO A 309 0.58 7.41 -23.29
CA PRO A 309 1.54 7.96 -24.25
C PRO A 309 1.66 7.13 -25.54
N GLN A 310 0.82 7.43 -26.52
CA GLN A 310 0.93 6.84 -27.85
C GLN A 310 2.24 7.30 -28.50
N SER A 311 2.77 6.41 -29.32
CA SER A 311 4.00 6.64 -30.10
C SER A 311 3.59 7.08 -31.51
N ASN A 312 4.36 7.94 -32.15
CA ASN A 312 4.02 8.30 -33.54
C ASN A 312 4.35 7.12 -34.45
N HIS A 313 5.36 6.32 -34.09
CA HIS A 313 5.82 5.14 -34.86
C HIS A 313 5.12 3.87 -34.38
N GLU A 314 4.13 4.01 -33.49
CA GLU A 314 3.28 2.92 -32.92
C GLU A 314 4.08 1.87 -32.15
N ALA A 315 5.21 2.29 -31.59
CA ALA A 315 6.09 1.43 -30.78
C ALA A 315 6.95 2.37 -29.96
N PRO A 316 7.31 2.05 -28.72
CA PRO A 316 8.09 2.96 -27.92
C PRO A 316 9.50 3.16 -28.48
N TYR A 317 10.05 4.35 -28.29
CA TYR A 317 11.43 4.63 -28.71
C TYR A 317 12.32 4.28 -27.52
N MET A 318 13.15 3.27 -27.68
CA MET A 318 14.09 2.82 -26.63
C MET A 318 15.47 2.74 -27.25
N GLY A 319 16.32 3.74 -27.00
CA GLY A 319 17.61 3.75 -27.66
C GLY A 319 18.44 5.00 -27.47
N GLU A 320 19.65 4.93 -28.04
CA GLU A 320 20.68 5.96 -28.02
C GLU A 320 20.67 6.69 -29.37
N HIS A 321 20.85 8.02 -29.32
CA HIS A 321 21.01 8.87 -30.50
C HIS A 321 22.33 8.48 -31.19
N GLU A 322 22.29 8.37 -32.52
CA GLU A 322 23.40 7.80 -33.28
C GLU A 322 24.61 8.76 -33.30
N GLU A 323 24.36 10.07 -33.15
CA GLU A 323 25.38 11.09 -33.29
C GLU A 323 25.68 11.71 -31.92
N ILE A 324 24.65 12.32 -31.31
CA ILE A 324 24.78 13.03 -30.03
C ILE A 324 24.97 12.00 -28.92
N LYS A 325 26.15 12.03 -28.29
CA LYS A 325 26.55 10.97 -27.37
C LYS A 325 25.92 11.26 -26.00
N GLY A 326 25.35 10.21 -25.42
CA GLY A 326 24.75 10.25 -24.10
C GLY A 326 23.27 10.64 -24.11
N LEU A 327 22.68 10.76 -25.31
CA LEU A 327 21.28 11.15 -25.42
C LEU A 327 20.45 9.90 -25.74
N TYR A 328 19.57 9.54 -24.79
CA TYR A 328 18.79 8.35 -24.84
C TYR A 328 17.31 8.72 -24.82
N ALA A 329 16.46 7.76 -25.19
CA ALA A 329 15.01 7.90 -25.25
C ALA A 329 14.37 6.60 -24.77
N CYS A 330 13.22 6.72 -24.10
CA CYS A 330 12.47 5.59 -23.56
C CYS A 330 11.04 6.05 -23.22
N THR A 331 10.19 6.19 -24.25
CA THR A 331 8.78 6.60 -24.13
C THR A 331 8.00 6.16 -25.36
N GLY A 332 6.67 6.11 -25.20
CA GLY A 332 5.75 5.75 -26.25
C GLY A 332 5.25 4.33 -26.08
N HIS A 333 5.04 3.91 -24.82
CA HIS A 333 4.67 2.54 -24.49
C HIS A 333 3.15 2.36 -24.56
N TYR A 334 2.44 3.47 -24.70
CA TYR A 334 1.01 3.47 -24.99
C TYR A 334 0.28 2.66 -23.93
N ARG A 335 -0.22 1.47 -24.28
CA ARG A 335 -1.13 0.73 -23.44
C ARG A 335 -0.40 -0.34 -22.60
N ASN A 336 0.93 -0.44 -22.68
CA ASN A 336 1.62 -1.61 -22.10
C ASN A 336 2.90 -1.18 -21.38
N GLY A 337 2.96 0.05 -20.88
CA GLY A 337 4.14 0.57 -20.20
C GLY A 337 4.31 0.07 -18.78
N ILE A 338 3.24 -0.46 -18.15
CA ILE A 338 3.39 -1.07 -16.83
C ILE A 338 4.04 -2.45 -17.03
N LEU A 339 3.39 -3.27 -17.84
CA LEU A 339 3.91 -4.56 -18.27
C LEU A 339 5.40 -4.48 -18.65
N LEU A 340 5.77 -3.49 -19.47
CA LEU A 340 7.09 -3.46 -20.07
C LEU A 340 8.07 -2.63 -19.25
N SER A 341 7.66 -2.08 -18.10
CA SER A 341 8.53 -1.19 -17.39
C SER A 341 9.80 -1.93 -16.98
N PRO A 342 9.73 -3.15 -16.37
CA PRO A 342 10.95 -3.88 -15.98
C PRO A 342 11.90 -4.16 -17.15
N ILE A 343 11.41 -4.75 -18.26
CA ILE A 343 12.30 -5.01 -19.41
C ILE A 343 12.89 -3.69 -19.95
N SER A 344 12.13 -2.59 -19.86
CA SER A 344 12.58 -1.31 -20.41
C SER A 344 13.76 -0.74 -19.60
N GLY A 345 13.63 -0.79 -18.28
CA GLY A 345 14.67 -0.30 -17.38
C GLY A 345 15.94 -1.11 -17.50
N GLN A 346 15.77 -2.44 -17.48
CA GLN A 346 16.88 -3.37 -17.56
C GLN A 346 17.64 -3.07 -18.86
N TYR A 347 16.89 -2.98 -19.96
CA TYR A 347 17.47 -2.80 -21.29
C TYR A 347 18.24 -1.48 -21.36
N MET A 348 17.59 -0.41 -20.90
CA MET A 348 18.16 0.91 -20.99
C MET A 348 19.48 0.92 -20.21
N ALA A 349 19.50 0.33 -19.01
CA ALA A 349 20.71 0.34 -18.21
C ALA A 349 21.82 -0.50 -18.88
N ASP A 350 21.45 -1.66 -19.45
CA ASP A 350 22.40 -2.48 -20.23
C ASP A 350 23.00 -1.63 -21.35
N LEU A 351 22.14 -0.93 -22.09
CA LEU A 351 22.56 -0.10 -23.22
C LEU A 351 23.44 1.08 -22.76
N ILE A 352 23.09 1.67 -21.62
CA ILE A 352 23.87 2.78 -21.12
C ILE A 352 25.27 2.29 -20.71
N GLU A 353 25.37 1.04 -20.23
CA GLU A 353 26.64 0.42 -19.75
C GLU A 353 27.37 -0.31 -20.89
N GLY A 354 26.94 -0.13 -22.15
CA GLY A 354 27.56 -0.78 -23.29
C GLY A 354 27.37 -2.29 -23.30
N LYS A 355 26.52 -2.84 -22.43
CA LYS A 355 26.38 -4.31 -22.31
C LYS A 355 25.44 -4.86 -23.40
N GLN A 356 24.70 -3.97 -24.08
CA GLN A 356 23.78 -4.35 -25.16
C GLN A 356 23.95 -3.35 -26.31
N GLU A 357 23.66 -3.78 -27.55
CA GLU A 357 23.75 -2.93 -28.77
C GLU A 357 22.45 -2.13 -28.93
N ASN A 358 22.54 -1.05 -29.72
CA ASN A 358 21.45 -0.08 -29.94
C ASN A 358 20.44 -0.65 -30.95
N HIS A 359 19.89 -1.83 -30.66
CA HIS A 359 19.19 -2.62 -31.66
C HIS A 359 17.65 -2.50 -31.52
N LEU A 360 17.18 -1.85 -30.46
CA LEU A 360 15.75 -1.88 -30.19
C LEU A 360 15.07 -0.74 -30.97
N LEU A 361 15.81 0.30 -31.34
CA LEU A 361 15.32 1.32 -32.29
C LEU A 361 14.89 0.65 -33.60
N ASP A 362 15.85 -0.05 -34.22
CA ASP A 362 15.68 -0.78 -35.46
C ASP A 362 14.54 -1.80 -35.34
N SER A 363 14.60 -2.63 -34.32
CA SER A 363 13.70 -3.76 -34.18
C SER A 363 12.24 -3.30 -34.04
N LEU A 364 12.01 -2.24 -33.23
CA LEU A 364 10.63 -1.86 -32.85
C LEU A 364 10.03 -0.83 -33.84
N LEU A 365 10.85 0.05 -34.43
CA LEU A 365 10.30 1.18 -35.21
C LEU A 365 10.13 0.86 -36.71
N SER A 366 10.89 -0.08 -37.28
CA SER A 366 10.69 -0.48 -38.71
C SER A 366 9.65 -1.59 -38.83
N ARG A 367 8.73 -1.39 -39.77
CA ARG A 367 7.76 -2.38 -40.17
C ARG A 367 7.82 -2.49 -41.70
N ARG A 368 8.18 -3.69 -42.17
CA ARG A 368 8.07 -4.07 -43.58
C ARG A 368 6.59 -3.99 -43.98
N VAL A 369 6.28 -3.12 -44.95
CA VAL A 369 4.90 -2.86 -45.39
C VAL A 369 4.55 -3.71 -46.62
N LEU A 370 5.52 -4.02 -47.49
CA LEU A 370 5.27 -4.77 -48.77
C LEU A 370 6.00 -6.12 -48.73
N GLU A 371 6.04 -6.79 -49.89
CA GLU A 371 7.03 -7.84 -50.22
C GLU A 371 6.78 -9.09 -49.36
N LYS B 4 -28.28 -15.58 11.01
CA LYS B 4 -27.73 -15.66 12.40
C LYS B 4 -26.22 -15.89 12.35
N TYR B 5 -25.51 -15.18 13.23
CA TYR B 5 -24.05 -15.25 13.35
C TYR B 5 -23.68 -15.93 14.68
N ASP B 6 -22.56 -16.68 14.65
CA ASP B 6 -21.96 -17.24 15.85
C ASP B 6 -21.43 -16.12 16.75
N VAL B 7 -20.91 -15.03 16.15
CA VAL B 7 -20.46 -13.87 16.91
C VAL B 7 -20.72 -12.58 16.14
N ALA B 8 -21.23 -11.57 16.87
CA ALA B 8 -21.25 -10.18 16.41
C ALA B 8 -20.18 -9.41 17.19
N ILE B 9 -19.32 -8.72 16.44
CA ILE B 9 -18.24 -7.97 17.02
C ILE B 9 -18.59 -6.49 16.89
N ILE B 10 -18.65 -5.80 18.04
CA ILE B 10 -18.90 -4.39 18.14
C ILE B 10 -17.55 -3.66 18.11
N GLY B 11 -17.22 -3.07 16.96
CA GLY B 11 -15.99 -2.36 16.79
C GLY B 11 -15.22 -2.94 15.63
N GLY B 12 -14.81 -2.05 14.72
CA GLY B 12 -14.08 -2.39 13.51
C GLY B 12 -12.68 -1.79 13.53
N GLY B 13 -12.14 -1.55 14.74
CA GLY B 13 -10.73 -1.21 14.93
C GLY B 13 -9.85 -2.43 14.75
N VAL B 14 -8.57 -2.29 15.06
CA VAL B 14 -7.59 -3.38 14.95
C VAL B 14 -7.93 -4.54 15.90
N ILE B 15 -8.52 -4.23 17.06
CA ILE B 15 -8.88 -5.22 18.07
C ILE B 15 -10.05 -6.07 17.55
N GLY B 16 -11.12 -5.39 17.16
CA GLY B 16 -12.31 -6.04 16.68
C GLY B 16 -12.04 -6.84 15.42
N SER B 17 -11.10 -6.35 14.62
CA SER B 17 -10.81 -6.93 13.34
C SER B 17 -9.84 -8.10 13.53
N SER B 18 -9.06 -8.08 14.61
CA SER B 18 -8.21 -9.22 14.96
C SER B 18 -9.11 -10.39 15.33
N VAL B 19 -10.04 -10.07 16.22
CA VAL B 19 -10.93 -11.07 16.77
C VAL B 19 -11.72 -11.67 15.61
N ALA B 20 -12.18 -10.79 14.70
CA ALA B 20 -12.90 -11.19 13.47
C ALA B 20 -12.03 -12.12 12.61
N HIS B 21 -10.77 -11.76 12.41
CA HIS B 21 -9.86 -12.59 11.67
C HIS B 21 -9.79 -13.97 12.30
N PHE B 22 -9.29 -14.05 13.53
CA PHE B 22 -8.93 -15.32 14.14
C PHE B 22 -10.16 -16.25 14.19
N LEU B 23 -11.34 -15.64 14.38
CA LEU B 23 -12.57 -16.38 14.55
C LEU B 23 -12.98 -17.00 13.22
N ALA B 24 -13.14 -16.15 12.20
CA ALA B 24 -13.62 -16.55 10.87
C ALA B 24 -12.71 -17.62 10.29
N GLU B 25 -11.40 -17.49 10.56
CA GLU B 25 -10.31 -18.40 10.15
C GLU B 25 -10.50 -19.82 10.74
N ARG B 26 -11.40 -19.95 11.73
CA ARG B 26 -11.74 -21.24 12.37
C ARG B 26 -13.22 -21.61 12.08
N GLY B 27 -13.72 -21.17 10.93
CA GLY B 27 -15.02 -21.61 10.38
C GLY B 27 -16.23 -21.05 11.13
N HIS B 28 -16.00 -20.11 12.07
CA HIS B 28 -17.07 -19.35 12.76
C HIS B 28 -17.66 -18.30 11.81
N LYS B 29 -18.95 -18.02 11.96
CA LYS B 29 -19.69 -17.08 11.14
C LYS B 29 -19.75 -15.77 11.92
N VAL B 30 -19.01 -14.77 11.45
CA VAL B 30 -18.85 -13.55 12.24
C VAL B 30 -19.38 -12.35 11.44
N ALA B 31 -20.10 -11.48 12.16
CA ALA B 31 -20.44 -10.09 11.75
C ALA B 31 -19.50 -9.11 12.46
N ILE B 32 -19.10 -8.04 11.75
CA ILE B 32 -18.46 -6.86 12.35
C ILE B 32 -19.41 -5.66 12.14
N VAL B 33 -19.69 -4.94 13.23
CA VAL B 33 -20.63 -3.84 13.25
C VAL B 33 -19.92 -2.59 13.76
N GLU B 34 -19.80 -1.61 12.86
CA GLU B 34 -18.85 -0.50 12.95
C GLU B 34 -19.58 0.82 12.65
N LYS B 35 -19.55 1.75 13.62
CA LYS B 35 -20.28 3.04 13.55
C LYS B 35 -20.01 3.77 12.23
N GLN B 36 -18.73 3.91 11.90
CA GLN B 36 -18.28 4.63 10.70
C GLN B 36 -17.76 3.61 9.68
N SER B 37 -16.46 3.35 9.72
CA SER B 37 -15.84 2.47 8.78
C SER B 37 -14.61 1.83 9.44
N ILE B 38 -14.18 0.70 8.86
CA ILE B 38 -13.08 -0.08 9.39
C ILE B 38 -11.88 0.87 9.53
N ALA B 39 -11.26 0.82 10.71
CA ALA B 39 -10.03 1.54 11.00
C ALA B 39 -10.22 3.06 10.84
N SER B 40 -11.29 3.63 11.40
CA SER B 40 -11.55 5.04 11.20
C SER B 40 -11.24 5.87 12.46
N GLU B 41 -10.82 5.22 13.55
CA GLU B 41 -10.52 5.91 14.83
C GLU B 41 -9.06 5.66 15.22
N ALA B 42 -8.80 5.21 16.45
CA ALA B 42 -7.45 5.12 17.02
C ALA B 42 -6.52 4.28 16.14
N SER B 43 -7.05 3.23 15.49
CA SER B 43 -6.24 2.24 14.76
C SER B 43 -5.72 2.79 13.42
N LYS B 44 -6.31 3.88 12.91
CA LYS B 44 -5.73 4.50 11.71
C LYS B 44 -4.70 5.56 12.14
N ALA B 45 -4.88 6.11 13.34
CA ALA B 45 -4.07 7.21 13.87
C ALA B 45 -2.73 6.73 14.46
N ALA B 46 -2.60 5.44 14.78
CA ALA B 46 -1.45 4.94 15.60
C ALA B 46 -0.15 4.87 14.78
N ALA B 47 0.98 5.09 15.48
CA ALA B 47 2.34 5.01 14.90
C ALA B 47 2.81 3.57 14.66
N GLY B 48 2.06 2.58 15.17
CA GLY B 48 2.33 1.17 14.89
C GLY B 48 3.62 0.62 15.49
N LEU B 49 4.12 1.23 16.56
CA LEU B 49 5.36 0.76 17.19
C LEU B 49 5.05 -0.46 18.04
N LEU B 50 6.04 -1.37 18.11
CA LEU B 50 5.93 -2.61 18.87
C LEU B 50 6.90 -2.58 20.06
N GLY B 51 6.36 -2.62 21.28
CA GLY B 51 7.11 -3.09 22.46
C GLY B 51 7.74 -1.96 23.24
N VAL B 52 8.39 -1.05 22.51
CA VAL B 52 8.83 0.24 23.03
C VAL B 52 7.58 1.08 23.34
N TRP B 56 5.13 -1.33 31.98
CA TRP B 56 4.72 -2.53 32.72
C TRP B 56 5.84 -3.08 33.61
N ASP B 57 5.44 -3.57 34.79
CA ASP B 57 6.30 -4.39 35.67
C ASP B 57 6.37 -5.81 35.09
N ALA B 58 7.41 -6.54 35.49
CA ALA B 58 7.80 -7.84 34.92
C ALA B 58 6.72 -8.91 35.06
N TYR B 59 5.90 -8.85 36.10
CA TYR B 59 4.93 -9.92 36.39
C TYR B 59 3.52 -9.50 35.93
N ASN B 60 3.42 -8.36 35.22
CA ASN B 60 2.18 -7.97 34.54
C ASN B 60 1.96 -8.94 33.39
N PRO B 61 0.80 -9.64 33.31
CA PRO B 61 0.62 -10.64 32.27
C PRO B 61 0.73 -10.03 30.84
N LEU B 62 0.27 -8.79 30.67
CA LEU B 62 0.40 -8.09 29.38
C LEU B 62 1.83 -8.27 28.86
N PHE B 63 2.80 -8.35 29.78
CA PHE B 63 4.18 -8.61 29.45
C PHE B 63 4.33 -9.93 28.65
N GLU B 64 3.85 -11.07 29.19
CA GLU B 64 3.90 -12.39 28.50
C GLU B 64 3.12 -12.31 27.18
N LEU B 65 2.00 -11.60 27.21
CA LEU B 65 1.14 -11.42 26.05
C LEU B 65 1.87 -10.65 24.95
N ALA B 66 2.45 -9.49 25.32
CA ALA B 66 3.18 -8.65 24.37
C ALA B 66 4.27 -9.47 23.70
N ARG B 67 4.94 -10.32 24.49
CA ARG B 67 6.04 -11.21 24.05
C ARG B 67 5.51 -12.19 22.98
N GLU B 68 4.34 -12.76 23.23
CA GLU B 68 3.72 -13.70 22.31
C GLU B 68 3.18 -12.96 21.07
N SER B 69 2.66 -11.74 21.25
CA SER B 69 2.17 -10.96 20.14
C SER B 69 3.29 -10.78 19.12
N ARG B 70 4.45 -10.35 19.61
CA ARG B 70 5.61 -10.05 18.76
C ARG B 70 6.12 -11.29 18.01
N ALA B 71 5.89 -12.49 18.54
CA ALA B 71 6.35 -13.74 17.93
C ALA B 71 5.41 -14.21 16.82
N ILE B 72 4.13 -13.83 16.91
CA ILE B 72 3.11 -14.20 15.91
C ILE B 72 3.24 -13.28 14.67
N PHE B 73 3.76 -12.06 14.87
CA PHE B 73 3.62 -10.98 13.90
C PHE B 73 4.27 -11.31 12.55
N PRO B 74 5.55 -11.78 12.49
CA PRO B 74 6.22 -11.99 11.22
C PRO B 74 5.41 -12.89 10.29
N GLN B 75 5.06 -14.10 10.78
CA GLN B 75 4.37 -15.11 9.97
C GLN B 75 2.92 -14.69 9.73
N LEU B 76 2.34 -13.85 10.60
CA LEU B 76 0.99 -13.30 10.36
C LEU B 76 1.02 -12.32 9.18
N ALA B 77 2.09 -11.52 9.13
CA ALA B 77 2.29 -10.54 8.08
C ALA B 77 2.28 -11.26 6.72
N ALA B 78 3.01 -12.37 6.62
CA ALA B 78 3.06 -13.21 5.41
C ALA B 78 1.66 -13.77 5.11
N VAL B 79 0.99 -14.28 6.15
CA VAL B 79 -0.32 -14.91 5.99
C VAL B 79 -1.34 -13.91 5.43
N LEU B 80 -1.34 -12.68 5.96
CA LEU B 80 -2.35 -11.68 5.56
C LEU B 80 -2.09 -11.14 4.14
N ARG B 81 -0.80 -10.93 3.83
CA ARG B 81 -0.34 -10.48 2.53
C ARG B 81 -0.81 -11.46 1.45
N GLU B 82 -0.46 -12.73 1.61
CA GLU B 82 -0.74 -13.80 0.64
C GLU B 82 -2.24 -14.09 0.58
N LYS B 83 -2.98 -13.83 1.66
CA LYS B 83 -4.43 -14.10 1.69
C LYS B 83 -5.23 -12.89 1.16
N THR B 84 -4.89 -11.68 1.61
CA THR B 84 -5.72 -10.51 1.23
C THR B 84 -5.00 -9.64 0.20
N GLY B 85 -3.69 -9.82 0.09
CA GLY B 85 -2.89 -8.99 -0.83
C GLY B 85 -2.46 -7.68 -0.19
N VAL B 86 -2.80 -7.48 1.08
CA VAL B 86 -2.48 -6.24 1.84
C VAL B 86 -1.20 -6.49 2.62
N ASP B 87 -0.20 -5.63 2.40
CA ASP B 87 1.07 -5.68 3.15
C ASP B 87 0.87 -4.77 4.36
N ILE B 88 1.19 -5.24 5.56
CA ILE B 88 0.93 -4.49 6.81
C ILE B 88 2.13 -3.63 7.19
N GLY B 89 3.15 -3.58 6.34
CA GLY B 89 4.32 -2.76 6.63
C GLY B 89 5.12 -3.33 7.77
N TYR B 90 5.12 -4.64 7.93
CA TYR B 90 5.91 -5.17 9.06
C TYR B 90 7.37 -4.86 8.80
N GLU B 91 8.02 -4.19 9.75
CA GLU B 91 9.44 -3.84 9.63
C GLU B 91 10.15 -4.22 10.93
N GLU B 92 11.30 -4.89 10.83
CA GLU B 92 12.05 -5.33 12.02
C GLU B 92 13.51 -4.87 11.89
N LYS B 93 13.73 -3.57 11.92
CA LYS B 93 15.09 -3.01 11.77
C LYS B 93 15.52 -2.41 13.11
N GLY B 94 14.75 -2.63 14.16
CA GLY B 94 15.09 -2.12 15.49
C GLY B 94 14.49 -0.76 15.78
N ILE B 95 14.73 -0.26 16.99
CA ILE B 95 14.29 1.05 17.53
C ILE B 95 15.39 1.59 18.46
N TYR B 96 15.70 2.89 18.37
CA TYR B 96 16.70 3.51 19.23
C TYR B 96 15.99 4.33 20.32
N ARG B 97 16.30 4.04 21.59
CA ARG B 97 15.93 4.90 22.72
C ARG B 97 17.04 5.92 22.91
N ILE B 98 16.83 7.15 22.44
CA ILE B 98 17.92 8.12 22.45
C ILE B 98 17.94 8.87 23.79
N ALA B 99 19.09 9.51 24.05
CA ALA B 99 19.31 10.43 25.15
C ALA B 99 20.06 11.66 24.64
N GLN B 100 19.69 12.84 25.14
CA GLN B 100 20.38 14.11 24.83
C GLN B 100 21.03 14.73 26.08
N ASN B 101 20.50 14.40 27.28
CA ASN B 101 21.08 14.75 28.58
C ASN B 101 21.84 13.54 29.15
N GLU B 102 22.77 13.82 30.09
CA GLU B 102 23.51 12.77 30.81
C GLU B 102 22.57 12.07 31.81
N ASP B 103 21.56 12.80 32.30
CA ASP B 103 20.48 12.26 33.14
C ASP B 103 19.69 11.21 32.35
N GLU B 104 19.29 11.56 31.10
CA GLU B 104 18.59 10.65 30.19
C GLU B 104 19.44 9.40 29.96
N LYS B 105 20.75 9.58 29.73
CA LYS B 105 21.68 8.47 29.47
C LYS B 105 21.55 7.43 30.59
N GLU B 106 21.65 7.92 31.83
CA GLU B 106 21.51 7.10 33.04
C GLU B 106 20.20 6.30 32.98
N ARG B 107 19.06 6.98 32.86
CA ARG B 107 17.71 6.34 32.94
C ARG B 107 17.54 5.30 31.82
N ILE B 108 18.21 5.57 30.69
CA ILE B 108 18.20 4.72 29.51
C ILE B 108 19.05 3.48 29.80
N LEU B 109 20.30 3.70 30.22
CA LEU B 109 21.20 2.63 30.67
C LEU B 109 20.53 1.83 31.80
N HIS B 110 19.76 2.53 32.65
CA HIS B 110 19.04 1.91 33.77
C HIS B 110 17.92 1.00 33.26
N ILE B 111 17.17 1.47 32.24
CA ILE B 111 16.11 0.65 31.65
C ILE B 111 16.76 -0.61 31.07
N MET B 112 17.84 -0.44 30.29
CA MET B 112 18.55 -1.55 29.62
C MET B 112 18.97 -2.60 30.65
N ASP B 113 19.81 -2.20 31.62
CA ASP B 113 20.48 -3.12 32.56
C ASP B 113 19.44 -3.98 33.30
N TRP B 114 18.41 -3.33 33.85
CA TRP B 114 17.44 -4.01 34.72
C TRP B 114 16.18 -4.43 33.94
N GLN B 115 16.32 -4.63 32.62
CA GLN B 115 15.22 -5.10 31.77
C GLN B 115 15.64 -6.40 31.05
N GLN B 116 16.87 -6.87 31.28
CA GLN B 116 17.44 -8.00 30.55
C GLN B 116 16.75 -9.31 30.97
N LYS B 117 15.43 -9.36 30.72
CA LYS B 117 14.56 -10.52 30.91
C LYS B 117 14.55 -11.31 29.59
N THR B 118 15.72 -11.84 29.22
CA THR B 118 16.07 -12.17 27.83
C THR B 118 15.62 -10.98 26.94
N GLY B 119 16.07 -9.78 27.33
CA GLY B 119 15.55 -8.50 26.85
C GLY B 119 16.09 -8.13 25.48
N GLU B 120 15.56 -8.81 24.46
CA GLU B 120 15.79 -8.56 23.02
C GLU B 120 17.23 -8.10 22.75
N ASP B 121 18.20 -8.85 23.29
CA ASP B 121 19.63 -8.70 22.99
C ASP B 121 19.94 -7.23 22.64
N SER B 122 19.55 -6.30 23.53
CA SER B 122 19.72 -4.84 23.35
C SER B 122 21.10 -4.41 23.87
N TYR B 123 21.63 -3.30 23.34
CA TYR B 123 22.97 -2.81 23.72
C TYR B 123 23.03 -1.27 23.68
N PHE B 124 24.10 -0.73 24.25
CA PHE B 124 24.37 0.69 24.30
C PHE B 124 25.26 1.08 23.12
N LEU B 125 24.92 2.21 22.48
CA LEU B 125 25.75 2.81 21.45
C LEU B 125 26.01 4.26 21.86
N THR B 126 27.23 4.70 21.57
CA THR B 126 27.66 6.06 21.81
C THR B 126 27.07 6.98 20.72
N GLY B 127 26.81 8.23 21.09
CA GLY B 127 26.36 9.26 20.19
C GLY B 127 27.07 9.22 18.85
N ASP B 128 28.40 9.02 18.89
CA ASP B 128 29.22 8.96 17.66
C ASP B 128 28.88 7.69 16.86
N HIS B 129 28.65 6.57 17.55
CA HIS B 129 28.40 5.28 16.89
C HIS B 129 26.99 5.25 16.31
N VAL B 130 26.07 6.04 16.89
CA VAL B 130 24.70 6.14 16.37
C VAL B 130 24.72 6.97 15.07
N ARG B 131 25.46 8.08 15.08
CA ARG B 131 25.56 8.95 13.90
C ARG B 131 26.24 8.18 12.74
N GLU B 132 27.15 7.25 13.05
CA GLU B 132 27.63 6.29 12.03
C GLU B 132 26.46 5.55 11.41
N LYS B 133 25.56 5.01 12.26
CA LYS B 133 24.40 4.19 11.81
C LYS B 133 23.30 5.04 11.21
N GLU B 134 23.18 6.31 11.65
CA GLU B 134 22.07 7.22 11.25
C GLU B 134 22.60 8.65 11.14
N PRO B 135 23.18 9.04 9.99
CA PRO B 135 23.97 10.29 9.92
C PRO B 135 23.23 11.63 10.00
N TYR B 136 21.88 11.63 9.98
CA TYR B 136 21.11 12.87 10.07
C TYR B 136 20.69 13.17 11.52
N LEU B 137 20.90 12.20 12.42
CA LEU B 137 20.56 12.40 13.81
C LEU B 137 21.46 13.48 14.41
N SER B 138 20.92 14.16 15.43
CA SER B 138 21.49 15.34 16.09
C SER B 138 22.85 15.01 16.76
N GLU B 139 23.81 15.94 16.65
CA GLU B 139 25.05 15.94 17.48
C GLU B 139 24.70 15.93 18.98
N SER B 140 23.48 16.38 19.31
CA SER B 140 23.02 16.52 20.69
C SER B 140 22.82 15.15 21.36
N ILE B 141 22.60 14.07 20.59
CA ILE B 141 22.30 12.78 21.24
C ILE B 141 23.64 12.19 21.75
N ILE B 142 23.66 11.82 23.03
CA ILE B 142 24.88 11.27 23.68
C ILE B 142 24.99 9.80 23.27
N GLY B 143 23.91 9.07 23.51
CA GLY B 143 23.81 7.66 23.13
C GLY B 143 22.39 7.19 23.21
N ALA B 144 22.17 5.90 22.97
CA ALA B 144 20.81 5.34 23.09
C ALA B 144 20.90 3.83 23.24
N VAL B 145 19.78 3.20 23.51
CA VAL B 145 19.79 1.72 23.58
C VAL B 145 19.16 1.25 22.28
N TYR B 146 19.89 0.49 21.49
CA TYR B 146 19.33 -0.05 20.24
C TYR B 146 18.65 -1.38 20.59
N TYR B 147 17.44 -1.58 20.08
CA TYR B 147 16.73 -2.86 20.30
C TYR B 147 16.63 -3.53 18.94
N PRO B 148 17.58 -4.42 18.58
CA PRO B 148 17.58 -5.03 17.26
C PRO B 148 16.29 -5.75 16.86
N LYS B 149 15.59 -6.38 17.80
CA LYS B 149 14.37 -7.13 17.42
C LYS B 149 13.11 -6.28 17.59
N ASP B 150 13.28 -4.98 17.76
CA ASP B 150 12.12 -4.10 17.85
C ASP B 150 11.74 -3.64 16.44
N GLY B 151 10.46 -3.28 16.29
CA GLY B 151 9.95 -2.90 15.01
C GLY B 151 8.59 -2.24 15.08
N HIS B 152 7.95 -2.19 13.92
CA HIS B 152 6.74 -1.42 13.72
C HIS B 152 5.97 -1.95 12.51
N VAL B 153 4.68 -1.62 12.48
CA VAL B 153 3.78 -1.91 11.37
C VAL B 153 3.05 -0.61 11.00
N ILE B 154 2.20 -0.71 9.99
CA ILE B 154 1.29 0.33 9.59
C ILE B 154 -0.10 -0.05 10.10
N ALA B 155 -0.52 0.63 11.16
CA ALA B 155 -1.69 0.25 11.92
C ALA B 155 -2.92 0.22 11.02
N PRO B 156 -3.24 1.30 10.27
CA PRO B 156 -4.42 1.28 9.42
C PRO B 156 -4.37 0.06 8.51
N GLU B 157 -3.18 -0.33 8.02
CA GLU B 157 -3.06 -1.41 7.06
C GLU B 157 -3.32 -2.76 7.75
N LEU B 158 -2.69 -2.97 8.91
CA LEU B 158 -2.90 -4.20 9.68
C LEU B 158 -4.40 -4.36 9.96
N THR B 159 -5.04 -3.26 10.38
CA THR B 159 -6.46 -3.29 10.67
C THR B 159 -7.28 -3.72 9.44
N LYS B 160 -6.89 -3.23 8.26
CA LYS B 160 -7.61 -3.53 7.02
C LYS B 160 -7.35 -4.98 6.65
N ALA B 161 -6.09 -5.42 6.72
CA ALA B 161 -5.74 -6.80 6.43
C ALA B 161 -6.69 -7.75 7.19
N PHE B 162 -6.52 -7.80 8.51
CA PHE B 162 -7.38 -8.57 9.41
C PHE B 162 -8.82 -8.63 8.92
N ALA B 163 -9.41 -7.46 8.61
CA ALA B 163 -10.85 -7.37 8.33
C ALA B 163 -11.18 -7.99 6.95
N HIS B 164 -10.33 -7.76 5.95
CA HIS B 164 -10.53 -8.42 4.63
C HIS B 164 -10.28 -9.93 4.76
N SER B 165 -9.34 -10.33 5.63
CA SER B 165 -9.07 -11.72 5.93
C SER B 165 -10.35 -12.43 6.37
N ALA B 166 -11.07 -11.77 7.27
CA ALA B 166 -12.28 -12.32 7.82
C ALA B 166 -13.36 -12.34 6.72
N ALA B 167 -13.46 -11.25 5.94
CA ALA B 167 -14.47 -11.14 4.85
C ALA B 167 -14.27 -12.25 3.81
N ILE B 168 -13.00 -12.53 3.49
CA ILE B 168 -12.62 -13.64 2.62
C ILE B 168 -13.09 -14.97 3.25
N SER B 169 -13.06 -15.04 4.58
CA SER B 169 -13.49 -16.23 5.32
C SER B 169 -14.97 -16.15 5.71
N GLY B 170 -15.71 -15.24 5.07
CA GLY B 170 -17.17 -15.23 5.14
C GLY B 170 -17.74 -14.18 6.09
N ALA B 171 -16.93 -13.31 6.68
CA ALA B 171 -17.50 -12.34 7.65
C ALA B 171 -18.30 -11.25 6.92
N ASP B 172 -19.41 -10.81 7.52
CA ASP B 172 -20.17 -9.72 6.97
C ASP B 172 -19.83 -8.42 7.73
N ILE B 173 -19.26 -7.45 7.00
CA ILE B 173 -18.86 -6.19 7.60
C ILE B 173 -20.01 -5.19 7.41
N TYR B 174 -20.60 -4.79 8.53
CA TYR B 174 -21.67 -3.81 8.58
C TYR B 174 -21.07 -2.46 9.00
N GLU B 175 -20.36 -1.80 8.07
CA GLU B 175 -19.93 -0.40 8.25
C GLU B 175 -21.18 0.47 8.33
N GLN B 176 -21.00 1.65 8.92
CA GLN B 176 -22.00 2.68 9.01
C GLN B 176 -23.21 2.13 9.79
N THR B 177 -22.92 1.57 10.97
CA THR B 177 -23.92 0.91 11.82
C THR B 177 -23.50 1.03 13.29
N GLU B 178 -24.30 1.76 14.10
CA GLU B 178 -24.05 1.93 15.55
C GLU B 178 -24.91 0.93 16.34
N VAL B 179 -24.25 0.16 17.22
CA VAL B 179 -24.88 -0.70 18.19
C VAL B 179 -25.31 0.16 19.38
N PHE B 180 -26.63 0.24 19.60
CA PHE B 180 -27.16 0.94 20.77
C PHE B 180 -27.07 0.04 22.00
N ASP B 181 -27.45 -1.23 21.84
CA ASP B 181 -27.65 -2.13 22.98
C ASP B 181 -27.48 -3.59 22.52
N ILE B 182 -27.30 -4.47 23.51
CA ILE B 182 -27.20 -5.91 23.32
C ILE B 182 -28.51 -6.58 23.77
N ARG B 183 -29.14 -7.30 22.85
CA ARG B 183 -30.38 -8.01 23.13
C ARG B 183 -30.07 -9.25 23.99
N ILE B 184 -30.58 -9.26 25.22
CA ILE B 184 -30.49 -10.42 26.12
C ILE B 184 -31.91 -10.88 26.47
N GLU B 185 -32.30 -12.02 25.90
CA GLU B 185 -33.51 -12.78 26.28
C GLU B 185 -33.07 -14.04 27.05
N ASN B 186 -33.70 -14.29 28.20
CA ASN B 186 -33.53 -15.50 29.03
C ASN B 186 -32.10 -15.59 29.61
N ASN B 187 -31.38 -14.45 29.67
CA ASN B 187 -30.04 -14.33 30.29
C ASN B 187 -28.93 -14.85 29.35
N LYS B 188 -29.29 -15.08 28.07
CA LYS B 188 -28.36 -15.46 27.00
C LYS B 188 -28.42 -14.37 25.90
N VAL B 189 -27.36 -14.29 25.08
CA VAL B 189 -27.27 -13.24 24.04
C VAL B 189 -27.82 -13.79 22.71
N THR B 190 -28.83 -13.08 22.19
CA THR B 190 -29.58 -13.43 20.96
C THR B 190 -29.26 -12.47 19.81
N GLY B 191 -28.60 -11.34 20.12
CA GLY B 191 -28.27 -10.38 19.09
C GLY B 191 -27.85 -9.02 19.64
N VAL B 192 -27.94 -8.04 18.76
CA VAL B 192 -27.39 -6.70 18.93
C VAL B 192 -28.34 -5.73 18.24
N ILE B 193 -28.73 -4.67 18.97
CA ILE B 193 -29.70 -3.66 18.50
C ILE B 193 -28.93 -2.49 17.90
N THR B 194 -29.03 -2.32 16.57
CA THR B 194 -28.25 -1.34 15.84
C THR B 194 -29.16 -0.32 15.14
N SER B 195 -28.52 0.70 14.56
CA SER B 195 -29.16 1.82 13.88
C SER B 195 -29.92 1.37 12.63
N GLU B 196 -29.41 0.35 11.92
CA GLU B 196 -30.01 -0.15 10.68
C GLU B 196 -31.17 -1.10 11.01
N GLY B 197 -30.84 -2.27 11.57
CA GLY B 197 -31.84 -3.25 12.01
C GLY B 197 -31.42 -3.93 13.30
N ILE B 198 -31.87 -5.17 13.49
CA ILE B 198 -31.42 -6.08 14.55
C ILE B 198 -30.50 -7.12 13.91
N VAL B 199 -29.35 -7.39 14.54
CA VAL B 199 -28.46 -8.41 14.05
C VAL B 199 -28.48 -9.59 15.04
N THR B 200 -28.90 -10.75 14.54
CA THR B 200 -29.09 -11.92 15.36
C THR B 200 -27.76 -12.67 15.46
N CYS B 201 -27.28 -12.89 16.69
CA CYS B 201 -26.05 -13.61 16.96
C CYS B 201 -26.14 -14.38 18.29
N GLU B 202 -25.30 -15.41 18.43
CA GLU B 202 -25.24 -16.20 19.67
C GLU B 202 -24.20 -15.64 20.66
N LYS B 203 -23.22 -14.84 20.18
CA LYS B 203 -22.18 -14.20 21.03
C LYS B 203 -21.92 -12.75 20.58
N VAL B 204 -21.53 -11.86 21.51
CA VAL B 204 -21.02 -10.54 21.12
C VAL B 204 -19.74 -10.20 21.90
N VAL B 205 -18.91 -9.39 21.25
CA VAL B 205 -17.65 -8.92 21.75
C VAL B 205 -17.64 -7.39 21.72
N ILE B 206 -17.58 -6.76 22.90
CA ILE B 206 -17.38 -5.32 23.02
C ILE B 206 -15.93 -5.03 22.63
N ALA B 207 -15.72 -4.37 21.48
CA ALA B 207 -14.38 -3.89 21.02
C ALA B 207 -14.44 -2.43 20.54
N GLY B 208 -15.25 -1.59 21.19
CA GLY B 208 -15.61 -0.26 20.69
C GLY B 208 -14.63 0.84 21.12
N GLY B 209 -13.40 0.46 21.48
CA GLY B 209 -12.38 1.39 21.89
C GLY B 209 -12.90 2.36 22.94
N SER B 210 -12.69 3.66 22.66
CA SER B 210 -12.97 4.75 23.56
C SER B 210 -14.47 4.97 23.78
N TRP B 211 -15.34 4.24 23.05
CA TRP B 211 -16.81 4.43 23.12
C TRP B 211 -17.50 3.24 23.81
N SER B 212 -16.70 2.33 24.40
CA SER B 212 -17.18 1.05 24.87
C SER B 212 -17.96 1.16 26.19
N THR B 213 -17.96 2.34 26.82
CA THR B 213 -18.29 2.47 28.24
C THR B 213 -19.72 1.97 28.50
N LYS B 214 -20.70 2.50 27.78
CA LYS B 214 -22.09 2.16 28.02
C LYS B 214 -22.26 0.62 28.01
N LEU B 215 -21.66 -0.06 27.02
CA LEU B 215 -21.85 -1.49 26.80
C LEU B 215 -21.08 -2.30 27.85
N LEU B 216 -20.03 -1.70 28.41
CA LEU B 216 -19.20 -2.34 29.42
C LEU B 216 -19.93 -2.37 30.77
N SER B 217 -21.00 -1.58 30.91
CA SER B 217 -21.71 -1.48 32.18
C SER B 217 -22.44 -2.80 32.52
N TYR B 218 -22.67 -3.65 31.51
CA TYR B 218 -23.24 -4.98 31.71
C TYR B 218 -22.25 -5.89 32.48
N PHE B 219 -20.98 -5.50 32.55
CA PHE B 219 -19.98 -6.16 33.43
C PHE B 219 -20.05 -5.59 34.86
N HIS B 220 -19.90 -4.27 34.98
CA HIS B 220 -19.84 -3.59 36.27
C HIS B 220 -19.80 -2.07 36.03
N ARG B 221 -20.77 -1.33 36.58
CA ARG B 221 -20.86 0.12 36.29
C ARG B 221 -19.53 0.81 36.55
N ASP B 222 -18.64 0.13 37.25
CA ASP B 222 -17.29 0.63 37.60
C ASP B 222 -16.44 0.67 36.33
N TRP B 223 -16.67 -0.30 35.45
CA TRP B 223 -15.89 -0.50 34.21
C TRP B 223 -16.13 0.59 33.17
N GLY B 224 -15.08 1.01 32.49
CA GLY B 224 -15.31 1.89 31.35
C GLY B 224 -14.03 2.29 30.65
N THR B 225 -14.19 2.83 29.43
CA THR B 225 -13.09 3.38 28.64
C THR B 225 -13.36 4.85 28.33
N TYR B 226 -12.28 5.56 28.02
CA TYR B 226 -12.33 6.96 27.68
C TYR B 226 -11.17 7.34 26.76
N PRO B 227 -11.37 8.34 25.88
CA PRO B 227 -10.35 8.72 24.90
C PRO B 227 -9.26 9.56 25.55
N VAL B 228 -8.01 9.29 25.19
CA VAL B 228 -6.87 10.17 25.50
C VAL B 228 -6.29 10.63 24.16
N LYS B 229 -6.60 11.88 23.80
CA LYS B 229 -6.35 12.43 22.48
C LYS B 229 -4.84 12.48 22.25
N GLY B 230 -4.43 12.18 21.01
CA GLY B 230 -3.05 12.28 20.58
C GLY B 230 -2.98 12.94 19.20
N GLU B 231 -2.09 13.95 19.06
CA GLU B 231 -1.86 14.68 17.86
C GLU B 231 -0.50 14.25 17.29
N VAL B 232 -0.45 14.09 15.97
CA VAL B 232 0.74 13.58 15.23
C VAL B 232 0.97 14.44 13.98
N VAL B 233 2.21 14.48 13.51
CA VAL B 233 2.57 15.26 12.31
C VAL B 233 3.27 14.33 11.33
N ALA B 234 3.01 14.50 10.05
CA ALA B 234 3.66 13.64 9.04
C ALA B 234 4.33 14.51 7.99
N VAL B 235 5.60 14.28 7.75
CA VAL B 235 6.33 14.99 6.68
C VAL B 235 6.88 13.95 5.72
N ARG B 236 7.15 14.37 4.49
CA ARG B 236 7.71 13.49 3.44
C ARG B 236 9.14 13.96 3.16
N SER B 237 9.98 13.08 2.65
CA SER B 237 11.35 13.52 2.33
C SER B 237 11.97 12.65 1.24
N ARG B 238 12.90 13.22 0.49
CA ARG B 238 13.57 12.48 -0.60
C ARG B 238 14.86 11.91 -0.01
N LYS B 239 15.40 12.58 0.99
CA LYS B 239 16.61 12.14 1.68
C LYS B 239 16.26 10.93 2.54
N GLN B 240 17.30 10.20 2.97
CA GLN B 240 17.23 8.99 3.80
C GLN B 240 17.43 9.34 5.28
N LEU B 241 16.42 9.93 5.92
CA LEU B 241 16.64 10.59 7.20
C LEU B 241 16.79 9.56 8.35
N LEU B 242 16.14 8.40 8.25
CA LEU B 242 16.10 7.36 9.30
C LEU B 242 15.79 6.01 8.66
N LYS B 243 16.48 4.94 9.10
CA LYS B 243 16.15 3.56 8.71
C LYS B 243 15.20 2.92 9.73
N ALA B 244 15.33 3.34 10.99
CA ALA B 244 14.51 2.77 12.08
C ALA B 244 14.02 3.89 12.98
N PRO B 245 12.92 3.70 13.72
CA PRO B 245 12.36 4.75 14.56
C PRO B 245 13.26 5.15 15.73
N ILE B 246 13.08 6.36 16.24
CA ILE B 246 13.83 6.79 17.44
C ILE B 246 12.77 7.03 18.51
N PHE B 247 13.08 6.68 19.75
CA PHE B 247 12.11 6.81 20.86
C PHE B 247 12.75 7.64 21.96
N GLN B 248 11.95 8.41 22.69
CA GLN B 248 12.49 9.24 23.77
C GLN B 248 11.37 9.69 24.72
N GLU B 249 11.17 8.95 25.81
CA GLU B 249 10.16 9.29 26.83
C GLU B 249 8.82 9.57 26.17
N ARG B 250 8.32 8.60 25.39
CA ARG B 250 7.02 8.57 24.66
C ARG B 250 7.05 9.30 23.32
N PHE B 251 7.94 10.28 23.13
CA PHE B 251 8.02 11.04 21.87
C PHE B 251 8.69 10.16 20.82
N TYR B 252 8.23 10.22 19.58
CA TYR B 252 8.83 9.30 18.59
C TYR B 252 8.90 9.91 17.19
N ILE B 253 9.97 9.54 16.49
CA ILE B 253 10.12 9.88 15.06
C ILE B 253 10.22 8.53 14.36
N THR B 254 9.27 8.23 13.49
CA THR B 254 9.29 6.90 12.83
C THR B 254 9.21 7.04 11.33
N PRO B 255 10.06 6.33 10.58
CA PRO B 255 9.95 6.32 9.15
C PRO B 255 8.91 5.28 8.75
N LYS B 256 8.22 5.53 7.65
CA LYS B 256 7.29 4.62 7.03
C LYS B 256 7.66 4.52 5.55
N ARG B 257 7.35 3.39 4.92
CA ARG B 257 7.58 3.15 3.50
C ARG B 257 7.13 4.39 2.71
N GLY B 258 7.96 4.80 1.74
CA GLY B 258 7.59 5.85 0.78
C GLY B 258 8.07 7.24 1.19
N GLY B 259 9.17 7.29 1.95
CA GLY B 259 9.83 8.52 2.33
C GLY B 259 9.02 9.37 3.30
N ARG B 260 8.15 8.72 4.06
CA ARG B 260 7.27 9.38 5.04
C ARG B 260 7.90 9.31 6.43
N TYR B 261 7.69 10.35 7.24
CA TYR B 261 8.19 10.40 8.63
C TYR B 261 7.07 10.89 9.55
N VAL B 262 6.50 10.01 10.36
CA VAL B 262 5.42 10.47 11.27
C VAL B 262 6.04 10.77 12.64
N ILE B 263 5.69 11.91 13.21
CA ILE B 263 6.27 12.40 14.49
C ILE B 263 5.16 12.74 15.48
N GLY B 264 5.30 12.28 16.72
CA GLY B 264 4.35 12.53 17.81
C GLY B 264 4.87 11.99 19.12
N ALA B 265 4.05 11.98 20.15
CA ALA B 265 2.63 12.37 20.03
C ALA B 265 2.21 13.14 21.27
N THR B 266 1.11 13.86 21.15
CA THR B 266 0.58 14.68 22.25
C THR B 266 -0.35 13.82 23.11
N MET B 267 -0.64 14.28 24.32
CA MET B 267 -1.55 13.54 25.22
C MET B 267 -2.53 14.50 25.87
N LYS B 268 -3.79 14.46 25.45
CA LYS B 268 -4.85 15.31 26.00
C LYS B 268 -5.99 14.40 26.43
N PRO B 269 -6.10 14.11 27.74
CA PRO B 269 -7.09 13.21 28.27
C PRO B 269 -8.52 13.73 28.42
N HIS B 270 -9.47 12.82 28.27
CA HIS B 270 -10.89 13.03 28.49
C HIS B 270 -11.44 13.99 27.43
N THR B 271 -11.07 13.75 26.16
CA THR B 271 -11.72 14.44 25.06
C THR B 271 -11.75 13.54 23.83
N PHE B 272 -12.89 13.59 23.13
CA PHE B 272 -13.14 12.91 21.87
C PHE B 272 -12.76 13.80 20.68
N ASN B 273 -12.48 15.08 20.96
CA ASN B 273 -12.24 16.13 19.97
C ASN B 273 -11.05 15.73 19.08
N LYS B 274 -11.23 15.91 17.77
CA LYS B 274 -10.23 15.44 16.79
C LYS B 274 -9.61 16.57 15.98
N THR B 275 -9.72 17.80 16.44
CA THR B 275 -9.01 18.91 15.75
C THR B 275 -7.58 18.95 16.27
N VAL B 276 -6.67 19.62 15.58
CA VAL B 276 -5.28 19.68 16.07
C VAL B 276 -5.01 21.12 16.46
N GLN B 277 -4.46 21.34 17.64
CA GLN B 277 -4.16 22.73 18.04
C GLN B 277 -2.79 23.10 17.49
N PRO B 278 -2.61 24.29 16.89
CA PRO B 278 -1.32 24.76 16.39
C PRO B 278 -0.14 24.63 17.35
N GLU B 279 -0.36 24.83 18.66
CA GLU B 279 0.64 24.68 19.73
C GLU B 279 1.16 23.24 19.76
N SER B 280 0.31 22.26 19.48
CA SER B 280 0.75 20.84 19.42
C SER B 280 1.67 20.69 18.23
N ILE B 281 1.31 21.27 17.09
CA ILE B 281 2.16 21.19 15.87
C ILE B 281 3.48 21.91 16.17
N THR B 282 3.37 23.10 16.74
CA THR B 282 4.55 23.92 17.10
C THR B 282 5.46 23.13 18.04
N SER B 283 4.89 22.52 19.07
CA SER B 283 5.74 21.81 20.05
C SER B 283 6.28 20.49 19.50
N ILE B 284 5.49 19.74 18.74
CA ILE B 284 6.00 18.45 18.21
C ILE B 284 7.16 18.69 17.27
N LEU B 285 7.00 19.63 16.36
CA LEU B 285 7.98 19.92 15.32
C LEU B 285 9.26 20.46 15.97
N GLU B 286 9.14 21.37 16.95
CA GLU B 286 10.34 21.98 17.60
C GLU B 286 11.13 20.91 18.36
N ARG B 287 10.44 20.02 19.05
CA ARG B 287 11.13 18.88 19.69
C ARG B 287 11.82 18.02 18.62
N ALA B 288 11.10 17.75 17.52
CA ALA B 288 11.63 16.96 16.39
C ALA B 288 12.94 17.58 15.86
N TYR B 289 13.02 18.90 15.79
CA TYR B 289 14.16 19.58 15.17
C TYR B 289 15.45 19.33 15.97
N THR B 290 15.35 19.25 17.30
CA THR B 290 16.52 18.92 18.10
C THR B 290 17.01 17.49 17.81
N ILE B 291 16.14 16.54 17.45
CA ILE B 291 16.53 15.13 17.24
C ILE B 291 16.97 14.90 15.79
N LEU B 292 16.35 15.60 14.85
CA LEU B 292 16.62 15.37 13.42
C LEU B 292 16.46 16.68 12.64
N PRO B 293 17.47 17.58 12.70
CA PRO B 293 17.38 18.90 12.07
C PRO B 293 16.95 18.96 10.60
N ALA B 294 17.26 17.95 9.80
CA ALA B 294 16.90 17.96 8.38
C ALA B 294 15.38 18.15 8.20
N LEU B 295 14.56 17.72 9.19
CA LEU B 295 13.09 17.81 9.08
C LEU B 295 12.64 19.25 8.82
N LYS B 296 13.46 20.23 9.21
CA LYS B 296 13.19 21.63 8.91
C LYS B 296 12.87 21.81 7.41
N GLU B 297 13.59 21.10 6.52
CA GLU B 297 13.47 21.29 5.05
C GLU B 297 12.83 20.08 4.34
N ALA B 298 12.24 19.15 5.10
CA ALA B 298 11.36 18.13 4.52
C ALA B 298 10.13 18.82 3.92
N GLU B 299 9.14 18.03 3.48
CA GLU B 299 7.88 18.58 2.97
C GLU B 299 6.75 18.24 3.93
N TRP B 300 5.99 19.26 4.34
CA TRP B 300 4.85 19.02 5.18
C TRP B 300 3.83 18.14 4.44
N GLU B 301 3.27 17.14 5.14
CA GLU B 301 2.24 16.28 4.56
C GLU B 301 0.92 16.57 5.27
N SER B 302 0.83 16.25 6.56
CA SER B 302 -0.46 16.35 7.22
C SER B 302 -0.28 16.22 8.73
N THR B 303 -1.39 16.48 9.45
CA THR B 303 -1.47 16.30 10.87
C THR B 303 -2.82 15.66 11.20
N TRP B 304 -2.89 14.93 12.32
CA TRP B 304 -4.17 14.37 12.74
C TRP B 304 -4.15 14.13 14.26
N ALA B 305 -5.36 13.87 14.79
CA ALA B 305 -5.57 13.43 16.13
C ALA B 305 -6.16 12.00 16.11
N GLY B 306 -5.81 11.23 17.15
CA GLY B 306 -6.49 9.97 17.47
C GLY B 306 -6.76 9.82 18.96
N LEU B 307 -7.84 9.10 19.28
CA LEU B 307 -8.30 8.91 20.63
C LEU B 307 -7.84 7.53 21.16
N ARG B 308 -6.71 7.52 21.91
CA ARG B 308 -6.21 6.32 22.56
C ARG B 308 -7.25 5.88 23.58
N PRO B 309 -7.68 4.59 23.56
CA PRO B 309 -8.70 4.09 24.49
C PRO B 309 -8.13 3.65 25.85
N GLN B 310 -8.09 4.59 26.79
CA GLN B 310 -7.70 4.29 28.16
C GLN B 310 -8.90 3.63 28.83
N SER B 311 -8.62 2.73 29.78
CA SER B 311 -9.66 2.10 30.59
C SER B 311 -9.71 2.78 31.97
N ASN B 312 -10.88 2.70 32.59
CA ASN B 312 -11.10 3.16 33.97
C ASN B 312 -10.08 2.49 34.91
N HIS B 313 -9.72 1.23 34.62
CA HIS B 313 -8.85 0.42 35.48
C HIS B 313 -7.39 0.47 35.01
N GLU B 314 -7.09 1.33 34.03
CA GLU B 314 -5.72 1.48 33.47
C GLU B 314 -5.23 0.13 32.92
N ALA B 315 -6.15 -0.70 32.43
CA ALA B 315 -5.80 -1.95 31.81
C ALA B 315 -6.93 -2.42 30.90
N PRO B 316 -6.61 -3.13 29.80
CA PRO B 316 -7.63 -3.66 28.90
C PRO B 316 -8.62 -4.56 29.68
N TYR B 317 -9.90 -4.55 29.27
CA TYR B 317 -10.87 -5.54 29.66
C TYR B 317 -10.93 -6.63 28.59
N MET B 318 -10.47 -7.84 28.95
CA MET B 318 -10.47 -8.96 28.04
C MET B 318 -10.95 -10.21 28.79
N GLY B 319 -12.14 -10.69 28.43
CA GLY B 319 -12.69 -11.88 29.07
C GLY B 319 -14.17 -12.06 28.81
N GLU B 320 -14.75 -13.10 29.45
CA GLU B 320 -16.14 -13.50 29.34
C GLU B 320 -16.87 -13.11 30.63
N HIS B 321 -18.12 -12.64 30.49
CA HIS B 321 -19.03 -12.36 31.61
C HIS B 321 -19.32 -13.68 32.34
N GLU B 322 -19.23 -13.66 33.67
CA GLU B 322 -19.35 -14.90 34.46
C GLU B 322 -20.80 -15.40 34.42
N GLU B 323 -21.76 -14.49 34.59
CA GLU B 323 -23.16 -14.83 34.82
C GLU B 323 -23.95 -14.83 33.51
N ILE B 324 -23.55 -14.00 32.53
CA ILE B 324 -24.29 -13.79 31.25
C ILE B 324 -23.65 -14.60 30.11
N LYS B 325 -24.45 -15.48 29.49
CA LYS B 325 -23.96 -16.46 28.53
C LYS B 325 -23.65 -15.78 27.19
N GLY B 326 -22.35 -15.72 26.83
CA GLY B 326 -21.91 -15.33 25.48
C GLY B 326 -21.60 -13.84 25.33
N LEU B 327 -21.38 -13.14 26.44
CA LEU B 327 -21.00 -11.74 26.39
C LEU B 327 -19.50 -11.64 26.67
N TYR B 328 -18.75 -11.01 25.75
CA TYR B 328 -17.32 -10.89 25.90
C TYR B 328 -16.89 -9.45 25.68
N ALA B 329 -15.68 -9.16 26.14
CA ALA B 329 -15.11 -7.84 26.06
C ALA B 329 -13.63 -7.94 25.68
N CYS B 330 -13.16 -6.92 24.97
CA CYS B 330 -11.80 -6.79 24.55
C CYS B 330 -11.59 -5.35 24.04
N THR B 331 -11.48 -4.42 24.99
CA THR B 331 -11.29 -3.00 24.64
C THR B 331 -10.42 -2.33 25.69
N GLY B 332 -9.82 -1.21 25.35
CA GLY B 332 -8.99 -0.46 26.31
C GLY B 332 -7.55 -0.86 26.30
N HIS B 333 -6.90 -0.86 25.14
CA HIS B 333 -5.47 -1.24 25.11
C HIS B 333 -4.56 -0.01 25.20
N TYR B 334 -5.16 1.15 25.44
CA TYR B 334 -4.48 2.45 25.61
C TYR B 334 -3.40 2.67 24.55
N ARG B 335 -2.13 2.54 24.91
CA ARG B 335 -1.01 2.86 24.01
C ARG B 335 -0.42 1.60 23.38
N ASN B 336 -1.05 0.45 23.58
CA ASN B 336 -0.44 -0.81 23.08
C ASN B 336 -1.44 -1.61 22.25
N GLY B 337 -2.49 -0.98 21.77
CA GLY B 337 -3.50 -1.69 20.97
C GLY B 337 -2.91 -2.34 19.74
N ILE B 338 -1.97 -1.71 19.06
CA ILE B 338 -1.44 -2.33 17.81
C ILE B 338 -0.60 -3.55 18.17
N LEU B 339 0.29 -3.39 19.14
CA LEU B 339 1.17 -4.49 19.57
C LEU B 339 0.38 -5.72 20.00
N LEU B 340 -0.73 -5.54 20.71
CA LEU B 340 -1.50 -6.67 21.27
C LEU B 340 -2.66 -7.12 20.37
N SER B 341 -2.77 -6.58 19.16
CA SER B 341 -3.92 -7.00 18.32
C SER B 341 -3.82 -8.49 17.97
N PRO B 342 -2.66 -9.05 17.61
CA PRO B 342 -2.57 -10.48 17.33
C PRO B 342 -2.96 -11.36 18.54
N ILE B 343 -2.35 -11.18 19.73
CA ILE B 343 -2.74 -12.04 20.90
C ILE B 343 -4.14 -11.65 21.39
N SER B 344 -4.52 -10.38 21.35
CA SER B 344 -5.86 -10.04 21.79
C SER B 344 -6.86 -10.83 20.94
N GLY B 345 -6.54 -11.01 19.65
CA GLY B 345 -7.37 -11.78 18.73
C GLY B 345 -7.31 -13.28 19.01
N GLN B 346 -6.09 -13.79 19.19
CA GLN B 346 -5.88 -15.20 19.46
C GLN B 346 -6.46 -15.61 20.83
N TYR B 347 -6.18 -14.82 21.86
CA TYR B 347 -6.77 -15.07 23.17
C TYR B 347 -8.30 -15.13 23.02
N MET B 348 -8.87 -14.12 22.36
CA MET B 348 -10.32 -13.92 22.43
C MET B 348 -11.06 -15.08 21.75
N ALA B 349 -10.43 -15.64 20.71
CA ALA B 349 -11.00 -16.73 19.91
C ALA B 349 -10.79 -18.09 20.62
N ASP B 350 -9.62 -18.26 21.24
CA ASP B 350 -9.36 -19.41 22.11
C ASP B 350 -10.39 -19.44 23.26
N LEU B 351 -10.77 -18.26 23.78
CA LEU B 351 -11.65 -18.10 24.94
C LEU B 351 -13.11 -18.39 24.55
N ILE B 352 -13.48 -17.99 23.35
CA ILE B 352 -14.80 -18.22 22.82
C ILE B 352 -14.99 -19.71 22.48
N GLU B 353 -13.92 -20.39 22.04
CA GLU B 353 -13.93 -21.83 21.70
C GLU B 353 -13.72 -22.71 22.96
N GLY B 354 -13.73 -22.10 24.15
CA GLY B 354 -13.45 -22.77 25.42
C GLY B 354 -12.12 -23.52 25.43
N LYS B 355 -11.05 -22.90 24.92
CA LYS B 355 -9.69 -23.50 24.96
C LYS B 355 -8.73 -22.60 25.75
N GLN B 356 -9.29 -21.65 26.52
CA GLN B 356 -8.50 -20.71 27.30
C GLN B 356 -9.33 -20.25 28.51
N GLU B 357 -8.74 -20.29 29.70
CA GLU B 357 -9.42 -19.89 30.94
C GLU B 357 -9.47 -18.36 31.02
N ASN B 358 -10.37 -17.86 31.88
CA ASN B 358 -10.72 -16.47 31.98
C ASN B 358 -9.86 -15.77 33.06
N HIS B 359 -8.56 -15.60 32.81
CA HIS B 359 -7.58 -15.06 33.80
C HIS B 359 -7.58 -13.52 33.84
N LEU B 360 -7.56 -12.89 32.66
CA LEU B 360 -7.17 -11.47 32.54
C LEU B 360 -8.17 -10.57 33.28
N LEU B 361 -9.43 -11.00 33.36
CA LEU B 361 -10.48 -10.28 34.07
C LEU B 361 -10.22 -10.30 35.59
N ASP B 362 -9.51 -11.32 36.10
CA ASP B 362 -9.11 -11.38 37.51
C ASP B 362 -7.94 -10.40 37.73
N SER B 363 -6.75 -10.72 37.20
CA SER B 363 -5.58 -9.80 37.22
C SER B 363 -5.46 -9.10 35.86
PA FAD C . 3.99 8.87 -17.39
O1A FAD C . 3.59 8.05 -16.25
O2A FAD C . 2.97 9.83 -17.93
O5B FAD C . 5.34 9.57 -16.98
C5B FAD C . 5.78 10.68 -17.70
C4B FAD C . 6.25 11.64 -16.63
O4B FAD C . 7.13 12.56 -17.24
C3B FAD C . 5.13 12.45 -16.04
O3B FAD C . 5.14 12.22 -14.61
C2B FAD C . 5.43 13.90 -16.37
O2B FAD C . 5.25 14.75 -15.23
C1B FAD C . 6.90 13.85 -16.67
N9A FAD C . 7.39 14.86 -17.60
C8A FAD C . 6.96 15.07 -18.85
N7A FAD C . 7.64 16.07 -19.45
C5A FAD C . 8.57 16.47 -18.56
C6A FAD C . 9.62 17.49 -18.58
N6A FAD C . 9.76 18.24 -19.69
N1A FAD C . 10.36 17.66 -17.45
C2A FAD C . 10.15 16.91 -16.37
N3A FAD C . 9.20 15.95 -16.29
C4A FAD C . 8.41 15.69 -17.35
N1 FAD C . -0.41 -0.27 -18.97
C2 FAD C . -0.31 -1.61 -18.71
O2 FAD C . 0.81 -2.12 -18.90
N3 FAD C . -1.36 -2.35 -18.27
C4 FAD C . -2.56 -1.76 -18.03
O4 FAD C . -3.55 -2.39 -17.58
C4X FAD C . -2.72 -0.31 -18.32
N5 FAD C . -3.88 0.32 -18.15
C5X FAD C . -3.99 1.64 -18.39
C6 FAD C . -5.21 2.27 -18.17
C7 FAD C . -5.35 3.62 -18.42
C7M FAD C . -6.67 4.32 -18.20
C8 FAD C . -4.20 4.40 -18.90
C8M FAD C . -4.32 5.89 -19.18
C9 FAD C . -3.02 3.78 -19.11
C9A FAD C . -2.85 2.44 -18.87
N10 FAD C . -1.61 1.81 -19.06
C10 FAD C . -1.54 0.42 -18.81
C1' FAD C . -0.43 2.48 -19.65
C2' FAD C . 0.60 3.06 -18.73
O2' FAD C . -0.07 4.00 -17.86
C3' FAD C . 1.62 3.78 -19.60
O3' FAD C . 1.93 3.05 -20.81
C4' FAD C . 2.80 4.14 -18.69
O4' FAD C . 2.34 4.75 -17.48
C5' FAD C . 3.73 5.13 -19.32
O5' FAD C . 4.65 5.54 -18.32
P FAD C . 5.59 6.80 -18.57
O1P FAD C . 6.16 6.74 -19.96
O2P FAD C . 6.49 6.93 -17.38
O3P FAD C . 4.45 7.94 -18.64
PA FAD D . -10.44 1.85 17.73
O1A FAD D . -10.93 3.08 18.26
O2A FAD D . -9.60 1.81 16.56
O5B FAD D . -11.65 0.89 17.51
C5B FAD D . -12.88 1.15 18.10
C4B FAD D . -13.91 1.06 17.01
O4B FAD D . -15.16 0.79 17.55
C3B FAD D . -14.00 2.38 16.32
O3B FAD D . -13.70 2.19 14.93
C2B FAD D . -15.42 2.85 16.55
O2B FAD D . -15.93 3.50 15.41
C1B FAD D . -16.13 1.55 16.86
N9A FAD D . -17.33 1.69 17.70
C8A FAD D . -17.45 2.35 18.84
N7A FAD D . -18.68 2.25 19.32
C5A FAD D . -19.38 1.51 18.49
C6A FAD D . -20.77 1.02 18.41
N6A FAD D . -21.69 1.29 19.35
N1A FAD D . -21.09 0.28 17.36
C2A FAD D . -20.22 -0.03 16.42
N3A FAD D . -18.96 0.38 16.44
C4A FAD D . -18.49 1.15 17.43
N1 FAD D . -0.31 1.35 19.83
C2 FAD D . 0.83 0.71 19.65
O2 FAD D . 0.84 -0.48 19.92
N3 FAD D . 1.93 1.27 19.22
C4 FAD D . 1.96 2.52 18.90
O4 FAD D . 2.98 3.04 18.50
C4X FAD D . 0.77 3.31 19.06
N5 FAD D . 0.76 4.59 18.79
C5X FAD D . -0.36 5.29 18.93
C6 FAD D . -0.30 6.61 18.60
C7 FAD D . -1.42 7.37 18.74
C7M FAD D . -1.40 8.82 18.42
C8 FAD D . -2.65 6.76 19.23
C8M FAD D . -3.87 7.60 19.37
C9 FAD D . -2.70 5.42 19.56
C9A FAD D . -1.58 4.65 19.42
N10 FAD D . -1.60 3.31 19.74
C10 FAD D . -0.41 2.63 19.56
C1' FAD D . -2.76 2.61 20.26
C2' FAD D . -3.69 2.07 19.23
O2' FAD D . -3.96 3.14 18.38
C3' FAD D . -5.01 1.63 19.83
O3' FAD D . -4.71 0.99 21.03
C4' FAD D . -5.69 0.71 18.81
O4' FAD D . -6.44 1.59 18.04
C5' FAD D . -6.64 -0.41 19.20
O5' FAD D . -7.90 0.05 19.60
P FAD D . -9.31 -0.39 19.14
O1P FAD D . -9.30 -1.20 17.94
O2P FAD D . -10.07 -0.86 20.27
O3P FAD D . -9.72 1.12 18.90
#